data_9IKX
#
_entry.id   9IKX
#
_cell.length_a   1.00
_cell.length_b   1.00
_cell.length_c   1.00
_cell.angle_alpha   90.00
_cell.angle_beta   90.00
_cell.angle_gamma   90.00
#
_symmetry.space_group_name_H-M   'P 1'
#
_entity_poly.entity_id   1
_entity_poly.type   'polypeptide(L)'
_entity_poly.pdbx_seq_one_letter_code
;MTGAKRKKKSMLWSKMHTPQCEDIIQWCRRRLPILDWAPHYNLKENLLPDTVSGIMLAVQQVTQGLAFAVLSSVHPVFGL
YGSLFPAIIYAIFGMGHHVATGTFALTSLISANAVERIVPQNMQNLTTQSNTSVLGLSDFEMQRIHVAAAVSFLGGVIQV
AMFVLQLGSATFVVTEPVISAMTTGAATHVVTSQVKYLLGMKMPYISGPLGFFYIYAYVFENIKSVRLEALLLSLLSIVV
LVLVKELNEQFKRKIKVVLPVDLVLIIAASFACYCTNMENTYGLEVVGHIPQGIPSPRAPPMNILSAVITEAFGVALVGY
VASLALAQGSAKKFKYSIDDNQEFLAHGLSNIVSSFFFCIPSAAAMGRTAGLYSTGAKTQVACLISCIFVLIVIYAIGPL
LYWLPMCVLASIIVVGLKGMLIQFRDLKKYWNVDKIDWGIWVSTYVFTICFAANVGLLFGVVCTIAIVIGRFPRAMTVSI
KNMKEMEFKVKTEMDSETLQQVKIISINNPLVFLNAKKFYTDLMNMIQKENACNQPLDDISKCEQNTLLNSLSNGNCNEE
ASQSCPNEKCYLILDCSGFTFFDYSGVSMLVEVYMDCKGRSVDVLLAHCTASLIKAMTYYGNLDSEKPIFFESVSAAISH
IHSNKNLSKLSDHSEV
;
_entity_poly.pdbx_strand_id   A,B
#
# COMPACT_ATOMS: atom_id res chain seq x y z
N CYS A 21 28.48 -19.09 -20.75
CA CYS A 21 29.34 -20.23 -20.43
C CYS A 21 29.91 -20.11 -19.01
N GLU A 22 30.99 -19.35 -18.88
CA GLU A 22 31.61 -19.19 -17.56
C GLU A 22 30.69 -18.45 -16.60
N ASP A 23 29.83 -17.57 -17.12
CA ASP A 23 28.91 -16.84 -16.26
C ASP A 23 27.92 -17.77 -15.59
N ILE A 24 27.45 -18.78 -16.33
CA ILE A 24 26.51 -19.75 -15.76
C ILE A 24 27.19 -20.54 -14.63
N ILE A 25 28.44 -20.95 -14.84
CA ILE A 25 29.17 -21.67 -13.81
C ILE A 25 29.38 -20.79 -12.59
N GLN A 26 29.69 -19.51 -12.81
CA GLN A 26 29.86 -18.58 -11.69
C GLN A 26 28.56 -18.41 -10.92
N TRP A 27 27.42 -18.31 -11.63
CA TRP A 27 26.13 -18.22 -10.96
C TRP A 27 25.85 -19.46 -10.12
N CYS A 28 26.09 -20.65 -10.70
CA CYS A 28 25.87 -21.89 -9.97
C CYS A 28 26.77 -21.97 -8.73
N ARG A 29 28.02 -21.55 -8.86
CA ARG A 29 28.91 -21.52 -7.69
C ARG A 29 28.44 -20.52 -6.65
N ARG A 30 27.87 -19.39 -7.09
CA ARG A 30 27.32 -18.41 -6.17
C ARG A 30 26.07 -18.90 -5.46
N ARG A 31 25.35 -19.86 -6.02
CA ARG A 31 24.20 -20.45 -5.34
C ARG A 31 24.59 -21.52 -4.35
N LEU A 32 25.88 -21.81 -4.19
CA LEU A 32 26.36 -22.78 -3.20
C LEU A 32 27.46 -22.12 -2.37
N PRO A 33 27.07 -21.34 -1.36
CA PRO A 33 28.06 -20.59 -0.57
C PRO A 33 28.93 -21.44 0.34
N ILE A 34 28.68 -22.75 0.45
CA ILE A 34 29.54 -23.59 1.26
C ILE A 34 30.91 -23.79 0.62
N LEU A 35 31.03 -23.55 -0.69
CA LEU A 35 32.29 -23.72 -1.38
C LEU A 35 33.26 -22.57 -1.15
N ASP A 36 32.82 -21.49 -0.50
CA ASP A 36 33.67 -20.34 -0.27
C ASP A 36 34.40 -20.37 1.06
N TRP A 37 33.91 -21.15 2.03
CA TRP A 37 34.57 -21.23 3.33
C TRP A 37 34.98 -22.63 3.74
N ALA A 38 34.61 -23.66 2.98
CA ALA A 38 35.03 -25.02 3.32
C ALA A 38 36.47 -25.27 2.92
N PRO A 39 36.90 -24.98 1.68
CA PRO A 39 38.32 -25.16 1.35
C PRO A 39 39.25 -24.23 2.11
N HIS A 40 38.75 -23.08 2.57
CA HIS A 40 39.55 -22.11 3.32
C HIS A 40 39.46 -22.31 4.82
N TYR A 41 39.09 -23.51 5.28
CA TYR A 41 38.84 -23.74 6.69
C TYR A 41 40.16 -23.87 7.43
N ASN A 42 40.38 -22.98 8.39
CA ASN A 42 41.54 -23.08 9.25
C ASN A 42 41.30 -24.13 10.33
N LEU A 43 42.31 -24.98 10.55
CA LEU A 43 42.21 -26.04 11.55
C LEU A 43 42.82 -25.66 12.89
N LYS A 44 43.78 -24.74 12.91
CA LYS A 44 44.42 -24.35 14.15
C LYS A 44 43.52 -23.47 15.00
N GLU A 45 42.73 -22.60 14.37
CA GLU A 45 41.92 -21.65 15.12
C GLU A 45 40.48 -22.13 15.29
N ASN A 46 39.82 -22.47 14.19
CA ASN A 46 38.38 -22.75 14.20
C ASN A 46 38.09 -24.23 14.44
N LEU A 47 38.65 -24.80 15.49
CA LEU A 47 38.29 -26.18 15.82
C LEU A 47 37.85 -26.35 17.27
N LEU A 48 38.51 -25.66 18.21
CA LEU A 48 38.09 -25.76 19.61
C LEU A 48 36.89 -24.87 19.92
N PRO A 49 36.90 -23.56 19.62
CA PRO A 49 35.69 -22.76 19.86
C PRO A 49 34.50 -23.25 19.07
N ASP A 50 34.72 -23.77 17.85
CA ASP A 50 33.63 -24.35 17.09
C ASP A 50 33.01 -25.52 17.83
N THR A 51 33.84 -26.40 18.40
CA THR A 51 33.31 -27.55 19.13
C THR A 51 32.56 -27.12 20.38
N VAL A 52 33.09 -26.16 21.14
CA VAL A 52 32.42 -25.69 22.35
C VAL A 52 31.07 -25.06 21.99
N SER A 53 31.07 -24.22 20.96
CA SER A 53 29.82 -23.61 20.51
C SER A 53 28.85 -24.67 20.03
N GLY A 54 29.35 -25.72 19.39
CA GLY A 54 28.51 -26.81 18.95
C GLY A 54 27.82 -27.50 20.11
N ILE A 55 28.55 -27.78 21.19
CA ILE A 55 27.94 -28.44 22.34
C ILE A 55 26.88 -27.55 22.98
N MET A 56 27.22 -26.28 23.20
CA MET A 56 26.27 -25.36 23.82
C MET A 56 25.02 -25.19 22.96
N LEU A 57 25.23 -25.04 21.64
CA LEU A 57 24.10 -24.91 20.72
C LEU A 57 23.28 -26.18 20.66
N ALA A 58 23.92 -27.34 20.82
CA ALA A 58 23.18 -28.59 20.85
C ALA A 58 22.23 -28.64 22.03
N VAL A 59 22.74 -28.26 23.21
CA VAL A 59 21.87 -28.22 24.40
C VAL A 59 20.73 -27.24 24.19
N GLN A 60 21.05 -26.06 23.66
CA GLN A 60 20.04 -25.03 23.42
C GLN A 60 18.97 -25.54 22.45
N GLN A 61 19.39 -26.16 21.36
CA GLN A 61 18.46 -26.64 20.35
C GLN A 61 17.56 -27.75 20.91
N VAL A 62 18.13 -28.66 21.69
CA VAL A 62 17.33 -29.73 22.28
C VAL A 62 16.24 -29.13 23.15
N THR A 63 16.64 -28.21 24.05
CA THR A 63 15.67 -27.62 24.97
C THR A 63 14.60 -26.84 24.22
N GLN A 64 15.02 -26.00 23.26
CA GLN A 64 14.08 -25.15 22.53
C GLN A 64 13.14 -25.97 21.67
N GLY A 65 13.64 -27.03 21.04
CA GLY A 65 12.79 -27.89 20.25
C GLY A 65 11.75 -28.61 21.10
N LEU A 66 12.19 -29.17 22.23
CA LEU A 66 11.24 -29.85 23.12
C LEU A 66 10.19 -28.88 23.63
N ALA A 67 10.56 -27.63 23.91
CA ALA A 67 9.61 -26.67 24.45
C ALA A 67 8.72 -26.03 23.39
N PHE A 68 9.17 -25.95 22.14
CA PHE A 68 8.39 -25.28 21.10
C PHE A 68 7.59 -26.24 20.23
N ALA A 69 7.89 -27.53 20.25
CA ALA A 69 7.00 -28.49 19.61
C ALA A 69 5.67 -28.58 20.35
N VAL A 70 5.71 -28.52 21.68
CA VAL A 70 4.48 -28.51 22.46
C VAL A 70 3.70 -27.23 22.24
N LEU A 71 4.41 -26.11 22.09
CA LEU A 71 3.74 -24.82 21.88
C LEU A 71 2.92 -24.82 20.59
N SER A 72 3.31 -25.64 19.62
CA SER A 72 2.58 -25.75 18.36
C SER A 72 1.51 -26.83 18.40
N SER A 73 1.13 -27.30 19.59
CA SER A 73 0.14 -28.36 19.77
C SER A 73 0.53 -29.60 18.95
N VAL A 74 1.79 -30.01 19.10
CA VAL A 74 2.36 -31.15 18.39
C VAL A 74 3.22 -31.92 19.37
N HIS A 75 3.30 -33.23 19.17
CA HIS A 75 4.07 -34.09 20.07
C HIS A 75 5.51 -33.60 20.12
N PRO A 76 6.13 -33.55 21.30
CA PRO A 76 7.47 -32.95 21.43
C PRO A 76 8.57 -33.67 20.69
N VAL A 77 8.37 -34.92 20.28
CA VAL A 77 9.44 -35.66 19.61
C VAL A 77 9.83 -35.03 18.27
N PHE A 78 8.90 -34.34 17.60
CA PHE A 78 9.19 -33.75 16.31
C PHE A 78 10.02 -32.48 16.41
N GLY A 79 10.12 -31.87 17.59
CA GLY A 79 11.00 -30.74 17.77
C GLY A 79 12.45 -31.07 17.54
N LEU A 80 12.86 -32.29 17.93
CA LEU A 80 14.23 -32.72 17.68
C LEU A 80 14.52 -32.80 16.18
N TYR A 81 13.59 -33.35 15.41
CA TYR A 81 13.76 -33.39 13.96
C TYR A 81 13.79 -31.99 13.37
N GLY A 82 12.91 -31.10 13.86
CA GLY A 82 12.90 -29.74 13.38
C GLY A 82 14.14 -28.94 13.74
N SER A 83 14.83 -29.32 14.80
CA SER A 83 16.10 -28.69 15.16
C SER A 83 17.29 -29.37 14.50
N LEU A 84 17.13 -30.59 13.99
CA LEU A 84 18.25 -31.31 13.38
C LEU A 84 18.32 -31.13 11.87
N PHE A 85 17.20 -31.27 11.17
CA PHE A 85 17.24 -31.39 9.72
C PHE A 85 17.53 -30.09 8.99
N PRO A 86 16.77 -29.00 9.21
CA PRO A 86 17.01 -27.79 8.41
C PRO A 86 18.37 -27.15 8.63
N ALA A 87 19.04 -27.46 9.73
CA ALA A 87 20.35 -26.86 9.99
C ALA A 87 21.36 -27.24 8.92
N ILE A 88 21.35 -28.50 8.50
CA ILE A 88 22.28 -28.95 7.46
C ILE A 88 22.01 -28.23 6.15
N ILE A 89 20.74 -28.09 5.78
CA ILE A 89 20.39 -27.43 4.54
C ILE A 89 20.80 -25.96 4.58
N TYR A 90 20.60 -25.31 5.72
CA TYR A 90 21.02 -23.92 5.86
C TYR A 90 22.55 -23.80 5.78
N ALA A 91 23.26 -24.75 6.39
CA ALA A 91 24.71 -24.74 6.35
C ALA A 91 25.19 -24.85 4.91
N ILE A 92 24.50 -25.67 4.12
CA ILE A 92 24.89 -25.82 2.71
C ILE A 92 24.57 -24.56 1.92
N PHE A 93 23.38 -23.99 2.10
CA PHE A 93 22.88 -22.92 1.23
C PHE A 93 22.84 -21.55 1.89
N GLY A 94 23.38 -21.40 3.10
CA GLY A 94 23.25 -20.16 3.84
C GLY A 94 24.51 -19.30 3.76
N MET A 95 24.30 -18.00 3.95
CA MET A 95 25.39 -17.03 3.91
C MET A 95 25.80 -16.53 5.29
N GLY A 96 24.90 -16.52 6.27
CA GLY A 96 25.24 -16.06 7.59
C GLY A 96 26.16 -17.04 8.30
N HIS A 97 27.03 -16.50 9.15
CA HIS A 97 27.97 -17.35 9.88
C HIS A 97 27.44 -17.74 11.26
N HIS A 98 26.88 -16.78 12.00
CA HIS A 98 26.37 -17.02 13.35
C HIS A 98 24.86 -17.19 13.37
N VAL A 99 24.29 -17.77 12.33
CA VAL A 99 22.85 -18.02 12.25
C VAL A 99 22.61 -19.50 12.43
N ALA A 100 21.83 -19.85 13.45
CA ALA A 100 21.51 -21.24 13.78
C ALA A 100 20.01 -21.43 13.60
N THR A 101 19.62 -22.16 12.56
CA THR A 101 18.22 -22.41 12.29
C THR A 101 17.65 -23.42 13.27
N GLY A 102 16.41 -23.18 13.71
CA GLY A 102 15.79 -24.02 14.71
C GLY A 102 14.28 -24.03 14.64
N THR A 103 13.62 -23.96 15.80
CA THR A 103 12.17 -24.04 15.87
C THR A 103 11.49 -22.68 15.82
N PHE A 104 12.03 -21.66 16.50
CA PHE A 104 11.54 -20.30 16.40
C PHE A 104 10.06 -20.16 16.76
N ALA A 105 9.75 -20.24 18.06
CA ALA A 105 8.39 -20.24 18.59
C ALA A 105 7.46 -19.23 17.92
N LEU A 106 8.00 -18.14 17.38
CA LEU A 106 7.17 -17.20 16.62
C LEU A 106 6.38 -17.89 15.53
N THR A 107 7.02 -18.81 14.79
CA THR A 107 6.32 -19.56 13.76
C THR A 107 5.45 -20.66 14.34
N SER A 108 5.83 -21.20 15.51
CA SER A 108 5.00 -22.21 16.16
C SER A 108 3.65 -21.64 16.57
N LEU A 109 3.64 -20.39 17.08
CA LEU A 109 2.38 -19.75 17.44
C LEU A 109 1.47 -19.57 16.25
N ILE A 110 2.04 -19.39 15.05
CA ILE A 110 1.22 -19.25 13.86
C ILE A 110 0.72 -20.60 13.37
N SER A 111 1.59 -21.62 13.37
CA SER A 111 1.17 -22.95 12.93
C SER A 111 0.16 -23.58 13.87
N ALA A 112 0.19 -23.22 15.16
CA ALA A 112 -0.76 -23.80 16.11
C ALA A 112 -2.19 -23.44 15.77
N ASN A 113 -2.41 -22.26 15.17
CA ASN A 113 -3.77 -21.88 14.76
C ASN A 113 -4.32 -22.87 13.75
N ALA A 114 -3.55 -23.15 12.69
CA ALA A 114 -4.00 -24.12 11.70
C ALA A 114 -4.14 -25.51 12.29
N VAL A 115 -3.20 -25.91 13.15
CA VAL A 115 -3.25 -27.25 13.72
C VAL A 115 -4.51 -27.43 14.56
N GLU A 116 -4.83 -26.45 15.40
CA GLU A 116 -6.00 -26.54 16.26
C GLU A 116 -7.30 -26.28 15.52
N ARG A 117 -7.26 -25.62 14.37
CA ARG A 117 -8.48 -25.40 13.60
C ARG A 117 -8.84 -26.60 12.74
N ILE A 118 -7.87 -27.18 12.04
CA ILE A 118 -8.15 -28.33 11.18
C ILE A 118 -8.50 -29.55 12.03
N VAL A 119 -7.70 -29.81 13.06
CA VAL A 119 -7.93 -30.94 13.95
C VAL A 119 -8.07 -30.44 15.39
N PRO A 120 -9.25 -30.07 15.82
CA PRO A 120 -9.45 -29.63 17.20
C PRO A 120 -9.34 -30.81 18.17
N GLN A 121 -9.54 -30.50 19.45
CA GLN A 121 -9.32 -31.47 20.51
C GLN A 121 -10.39 -32.54 20.56
N ASN A 122 -11.59 -32.26 20.04
CA ASN A 122 -12.74 -33.13 20.24
C ASN A 122 -12.56 -34.53 19.66
N MET A 123 -11.75 -34.70 18.62
CA MET A 123 -11.49 -36.03 18.07
C MET A 123 -10.29 -36.73 18.72
N GLN A 124 -9.99 -36.43 19.98
CA GLN A 124 -8.92 -37.10 20.69
C GLN A 124 -9.13 -38.62 20.75
N SER A 133 0.15 -44.18 12.18
CA SER A 133 1.23 -44.57 13.08
C SER A 133 2.48 -44.95 12.30
N VAL A 134 3.58 -44.25 12.58
CA VAL A 134 4.85 -44.52 11.91
C VAL A 134 5.93 -44.69 12.97
N LEU A 135 5.67 -44.19 14.18
CA LEU A 135 6.64 -44.24 15.26
C LEU A 135 6.03 -44.81 16.53
N GLY A 136 4.90 -45.49 16.42
CA GLY A 136 4.18 -46.01 17.56
C GLY A 136 3.28 -44.99 18.24
N LEU A 137 3.27 -43.74 17.77
CA LEU A 137 2.39 -42.74 18.34
C LEU A 137 0.94 -43.07 18.02
N SER A 138 0.05 -42.75 18.97
CA SER A 138 -1.36 -42.97 18.76
C SER A 138 -1.91 -42.04 17.69
N ASP A 139 -3.12 -42.33 17.22
CA ASP A 139 -3.74 -41.49 16.22
C ASP A 139 -4.13 -40.14 16.82
N PHE A 140 -4.57 -39.24 15.94
CA PHE A 140 -4.92 -37.86 16.26
C PHE A 140 -3.65 -37.05 16.53
N GLU A 141 -2.52 -37.73 16.61
CA GLU A 141 -1.22 -37.06 16.62
C GLU A 141 -0.60 -37.00 15.23
N MET A 142 -0.96 -37.93 14.35
CA MET A 142 -0.54 -37.84 12.96
C MET A 142 -1.30 -36.75 12.22
N GLN A 143 -2.58 -36.58 12.55
CA GLN A 143 -3.40 -35.58 11.87
C GLN A 143 -2.94 -34.16 12.17
N ARG A 144 -2.19 -33.95 13.25
CA ARG A 144 -1.66 -32.63 13.58
C ARG A 144 -0.28 -32.40 12.97
N ILE A 145 0.60 -33.39 13.07
CA ILE A 145 1.91 -33.27 12.44
C ILE A 145 1.79 -33.19 10.92
N HIS A 146 0.75 -33.81 10.34
CA HIS A 146 0.54 -33.66 8.90
C HIS A 146 0.20 -32.23 8.53
N VAL A 147 -0.66 -31.58 9.33
CA VAL A 147 -0.99 -30.18 9.08
C VAL A 147 0.24 -29.30 9.25
N ALA A 148 1.03 -29.55 10.30
CA ALA A 148 2.24 -28.77 10.50
C ALA A 148 3.22 -28.94 9.34
N ALA A 149 3.41 -30.17 8.87
CA ALA A 149 4.30 -30.42 7.74
C ALA A 149 3.78 -29.75 6.47
N ALA A 150 2.47 -29.78 6.25
CA ALA A 150 1.91 -29.08 5.09
C ALA A 150 2.15 -27.58 5.17
N VAL A 151 1.99 -27.00 6.36
CA VAL A 151 2.24 -25.58 6.53
C VAL A 151 3.69 -25.25 6.23
N SER A 152 4.62 -26.06 6.76
CA SER A 152 6.03 -25.81 6.51
C SER A 152 6.38 -25.97 5.04
N PHE A 153 5.81 -26.98 4.37
CA PHE A 153 6.07 -27.16 2.94
C PHE A 153 5.56 -26.00 2.13
N LEU A 154 4.35 -25.51 2.42
CA LEU A 154 3.82 -24.36 1.69
C LEU A 154 4.65 -23.10 1.95
N GLY A 155 5.10 -22.91 3.19
CA GLY A 155 5.97 -21.77 3.46
C GLY A 155 7.28 -21.83 2.70
N GLY A 156 7.89 -23.02 2.65
CA GLY A 156 9.11 -23.17 1.88
C GLY A 156 8.90 -22.94 0.39
N VAL A 157 7.79 -23.44 -0.15
CA VAL A 157 7.48 -23.23 -1.55
C VAL A 157 7.31 -21.75 -1.84
N ILE A 158 6.61 -21.04 -0.96
CA ILE A 158 6.42 -19.60 -1.14
C ILE A 158 7.77 -18.87 -1.08
N GLN A 159 8.63 -19.25 -0.14
CA GLN A 159 9.93 -18.60 -0.04
C GLN A 159 10.77 -18.82 -1.30
N VAL A 160 10.78 -20.05 -1.82
CA VAL A 160 11.49 -20.28 -3.07
C VAL A 160 10.86 -19.52 -4.23
N ALA A 161 9.53 -19.43 -4.27
CA ALA A 161 8.85 -18.70 -5.33
C ALA A 161 9.21 -17.22 -5.35
N MET A 162 9.27 -16.58 -4.18
CA MET A 162 9.74 -15.20 -4.16
C MET A 162 11.26 -15.10 -4.23
N PHE A 163 11.97 -16.23 -4.11
CA PHE A 163 13.39 -16.22 -4.45
C PHE A 163 13.61 -16.17 -5.97
N VAL A 164 12.81 -16.91 -6.74
CA VAL A 164 13.00 -16.92 -8.19
C VAL A 164 12.67 -15.59 -8.83
N LEU A 165 11.89 -14.75 -8.17
CA LEU A 165 11.73 -13.36 -8.55
C LEU A 165 12.93 -12.57 -8.02
N GLN A 166 12.88 -11.25 -8.04
CA GLN A 166 13.94 -10.44 -7.46
C GLN A 166 13.51 -9.87 -6.12
N LEU A 167 12.49 -10.45 -5.51
CA LEU A 167 12.13 -10.08 -4.14
C LEU A 167 13.29 -10.43 -3.22
N GLY A 168 13.57 -9.52 -2.28
CA GLY A 168 14.78 -9.56 -1.47
C GLY A 168 15.71 -8.40 -1.77
N SER A 169 15.76 -7.97 -3.03
CA SER A 169 16.37 -6.70 -3.38
C SER A 169 15.54 -5.52 -2.88
N ALA A 170 14.27 -5.73 -2.59
CA ALA A 170 13.41 -4.72 -1.96
C ALA A 170 13.05 -5.24 -0.58
N THR A 171 13.95 -4.98 0.38
CA THR A 171 13.74 -5.35 1.77
C THR A 171 14.00 -4.15 2.68
N PHE A 172 14.24 -2.99 2.10
CA PHE A 172 14.41 -1.76 2.86
C PHE A 172 13.11 -1.26 3.45
N VAL A 173 11.97 -1.81 3.03
CA VAL A 173 10.66 -1.40 3.50
C VAL A 173 10.54 -1.69 4.99
N VAL A 174 11.01 -2.87 5.41
CA VAL A 174 11.03 -3.21 6.83
C VAL A 174 12.18 -2.46 7.50
N THR A 175 11.89 -1.83 8.63
CA THR A 175 12.87 -0.99 9.31
C THR A 175 13.17 -1.56 10.70
N GLU A 176 14.29 -1.11 11.26
CA GLU A 176 14.77 -1.59 12.56
C GLU A 176 13.73 -1.40 13.67
N PRO A 177 13.09 -0.24 13.82
CA PRO A 177 12.05 -0.12 14.87
C PRO A 177 10.90 -1.09 14.67
N VAL A 178 10.48 -1.34 13.43
CA VAL A 178 9.36 -2.24 13.18
C VAL A 178 9.73 -3.67 13.61
N ILE A 179 10.91 -4.13 13.22
CA ILE A 179 11.34 -5.47 13.58
C ILE A 179 11.51 -5.59 15.09
N SER A 180 12.08 -4.55 15.72
CA SER A 180 12.27 -4.57 17.16
C SER A 180 10.93 -4.66 17.89
N ALA A 181 9.95 -3.85 17.47
CA ALA A 181 8.64 -3.87 18.12
C ALA A 181 7.95 -5.21 17.90
N MET A 182 8.01 -5.75 16.69
CA MET A 182 7.37 -7.04 16.43
C MET A 182 7.99 -8.15 17.25
N THR A 183 9.33 -8.16 17.34
CA THR A 183 10.00 -9.20 18.14
C THR A 183 9.70 -9.05 19.62
N THR A 184 9.65 -7.82 20.14
CA THR A 184 9.30 -7.64 21.55
C THR A 184 7.87 -8.08 21.84
N GLY A 185 6.93 -7.73 20.96
CA GLY A 185 5.56 -8.18 21.15
C GLY A 185 5.43 -9.69 21.08
N ALA A 186 6.13 -10.32 20.14
CA ALA A 186 6.11 -11.79 20.06
C ALA A 186 6.75 -12.43 21.28
N ALA A 187 7.82 -11.84 21.81
CA ALA A 187 8.41 -12.35 23.04
C ALA A 187 7.45 -12.26 24.21
N THR A 188 6.71 -11.14 24.32
CA THR A 188 5.70 -11.05 25.37
C THR A 188 4.61 -12.08 25.18
N HIS A 189 4.19 -12.30 23.92
CA HIS A 189 3.19 -13.34 23.65
C HIS A 189 3.67 -14.72 24.05
N VAL A 190 4.94 -15.03 23.79
CA VAL A 190 5.49 -16.33 24.19
C VAL A 190 5.58 -16.41 25.71
N VAL A 191 5.94 -15.31 26.37
CA VAL A 191 6.03 -15.32 27.83
C VAL A 191 4.66 -15.59 28.45
N THR A 192 3.61 -14.95 27.93
CA THR A 192 2.28 -15.17 28.46
C THR A 192 1.71 -16.54 28.09
N SER A 193 2.35 -17.27 27.17
CA SER A 193 1.91 -18.59 26.78
C SER A 193 2.58 -19.70 27.59
N GLN A 194 3.41 -19.33 28.56
CA GLN A 194 4.09 -20.31 29.40
C GLN A 194 3.65 -20.24 30.85
N VAL A 195 2.73 -19.32 31.21
CA VAL A 195 2.27 -19.23 32.59
C VAL A 195 1.45 -20.45 33.00
N LYS A 196 0.78 -21.11 32.05
CA LYS A 196 0.00 -22.29 32.38
C LYS A 196 0.87 -23.47 32.81
N TYR A 197 2.18 -23.40 32.57
CA TYR A 197 3.10 -24.42 33.03
C TYR A 197 3.80 -24.05 34.34
N LEU A 198 4.14 -22.77 34.51
CA LEU A 198 4.74 -22.34 35.77
C LEU A 198 3.74 -22.48 36.92
N LEU A 199 2.48 -22.12 36.69
CA LEU A 199 1.46 -22.23 37.73
C LEU A 199 1.01 -23.67 37.93
N GLY A 200 1.01 -24.47 36.87
CA GLY A 200 0.61 -25.86 36.95
C GLY A 200 -0.83 -26.14 36.58
N MET A 201 -1.62 -25.11 36.27
CA MET A 201 -3.01 -25.31 35.90
C MET A 201 -3.12 -25.79 34.45
N LYS A 202 -4.34 -26.08 34.03
CA LYS A 202 -4.63 -26.51 32.67
C LYS A 202 -5.59 -25.53 32.02
N MET A 203 -5.30 -25.17 30.77
CA MET A 203 -6.09 -24.18 30.06
C MET A 203 -6.47 -24.71 28.68
N PRO A 204 -7.64 -24.31 28.17
CA PRO A 204 -8.00 -24.64 26.79
C PRO A 204 -7.25 -23.73 25.82
N TYR A 205 -7.30 -24.10 24.55
CA TYR A 205 -6.62 -23.33 23.50
C TYR A 205 -7.39 -22.04 23.28
N ILE A 206 -6.82 -20.93 23.74
CA ILE A 206 -7.43 -19.61 23.58
C ILE A 206 -6.59 -18.83 22.59
N SER A 207 -7.21 -18.37 21.51
CA SER A 207 -6.53 -17.59 20.50
C SER A 207 -7.54 -16.72 19.78
N GLY A 208 -7.05 -15.63 19.19
CA GLY A 208 -7.90 -14.71 18.47
C GLY A 208 -7.35 -13.30 18.46
N PRO A 209 -8.21 -12.33 18.16
CA PRO A 209 -7.76 -10.93 18.10
C PRO A 209 -7.49 -10.31 19.46
N LEU A 210 -7.91 -10.95 20.56
CA LEU A 210 -7.66 -10.40 21.89
C LEU A 210 -7.31 -11.49 22.89
N GLY A 211 -6.65 -12.56 22.44
CA GLY A 211 -6.38 -13.69 23.31
C GLY A 211 -5.43 -13.39 24.45
N PHE A 212 -4.58 -12.36 24.30
CA PHE A 212 -3.62 -12.03 25.35
C PHE A 212 -4.31 -11.68 26.66
N PHE A 213 -5.39 -10.91 26.61
CA PHE A 213 -6.14 -10.56 27.80
C PHE A 213 -7.07 -11.68 28.26
N TYR A 214 -7.60 -12.47 27.32
CA TYR A 214 -8.46 -13.59 27.69
C TYR A 214 -7.69 -14.65 28.46
N ILE A 215 -6.42 -14.87 28.12
CA ILE A 215 -5.61 -15.84 28.85
C ILE A 215 -5.48 -15.42 30.31
N TYR A 216 -5.18 -14.14 30.57
CA TYR A 216 -5.06 -13.67 31.94
C TYR A 216 -6.40 -13.65 32.64
N ALA A 217 -7.49 -13.35 31.93
CA ALA A 217 -8.81 -13.42 32.54
C ALA A 217 -9.14 -14.83 33.00
N TYR A 218 -8.83 -15.83 32.17
CA TYR A 218 -9.02 -17.22 32.56
C TYR A 218 -8.12 -17.60 33.73
N VAL A 219 -6.88 -17.11 33.74
CA VAL A 219 -5.96 -17.43 34.82
C VAL A 219 -6.49 -16.87 36.15
N PHE A 220 -6.97 -15.63 36.13
CA PHE A 220 -7.47 -15.01 37.35
C PHE A 220 -8.84 -15.55 37.76
N GLU A 221 -9.62 -16.07 36.82
CA GLU A 221 -10.92 -16.66 37.17
C GLU A 221 -10.77 -17.99 37.89
N ASN A 222 -9.71 -18.73 37.59
CA ASN A 222 -9.45 -20.03 38.19
C ASN A 222 -8.21 -20.00 39.07
N ILE A 223 -8.07 -18.94 39.87
CA ILE A 223 -6.88 -18.77 40.70
C ILE A 223 -6.78 -19.76 41.84
N LYS A 224 -7.86 -20.49 42.14
CA LYS A 224 -7.85 -21.46 43.23
C LYS A 224 -7.31 -22.82 42.80
N SER A 225 -7.02 -23.02 41.52
CA SER A 225 -6.47 -24.28 41.02
C SER A 225 -4.96 -24.24 40.83
N VAL A 226 -4.30 -23.19 41.29
CA VAL A 226 -2.86 -23.05 41.11
C VAL A 226 -2.15 -23.95 42.10
N ARG A 227 -1.26 -24.80 41.60
CA ARG A 227 -0.48 -25.69 42.45
C ARG A 227 0.71 -24.94 43.04
N LEU A 228 0.91 -25.12 44.34
CA LEU A 228 1.99 -24.41 45.03
C LEU A 228 3.35 -25.05 44.74
N GLU A 229 3.42 -26.36 44.60
CA GLU A 229 4.70 -27.04 44.37
C GLU A 229 5.32 -26.61 43.05
N ALA A 230 4.52 -26.60 41.98
CA ALA A 230 5.03 -26.19 40.67
C ALA A 230 5.46 -24.73 40.69
N LEU A 231 4.68 -23.87 41.35
CA LEU A 231 5.03 -22.46 41.43
C LEU A 231 6.34 -22.25 42.18
N LEU A 232 6.52 -22.95 43.30
CA LEU A 232 7.77 -22.82 44.07
C LEU A 232 8.96 -23.32 43.27
N LEU A 233 8.79 -24.47 42.60
CA LEU A 233 9.90 -25.00 41.79
C LEU A 233 10.26 -24.06 40.65
N SER A 234 9.25 -23.51 39.97
CA SER A 234 9.50 -22.57 38.89
C SER A 234 10.20 -21.31 39.40
N LEU A 235 9.76 -20.78 40.55
CA LEU A 235 10.40 -19.59 41.10
C LEU A 235 11.86 -19.86 41.47
N LEU A 236 12.12 -20.99 42.11
CA LEU A 236 13.49 -21.32 42.49
C LEU A 236 14.37 -21.47 41.26
N SER A 237 13.87 -22.18 40.24
CA SER A 237 14.66 -22.37 39.02
C SER A 237 14.91 -21.05 38.30
N ILE A 238 13.90 -20.18 38.23
CA ILE A 238 14.08 -18.88 37.59
C ILE A 238 15.13 -18.06 38.33
N VAL A 239 15.05 -18.03 39.66
CA VAL A 239 16.00 -17.25 40.44
C VAL A 239 17.41 -17.78 40.24
N VAL A 240 17.58 -19.11 40.29
CA VAL A 240 18.91 -19.69 40.13
C VAL A 240 19.46 -19.39 38.73
N LEU A 241 18.63 -19.56 37.70
CA LEU A 241 19.10 -19.31 36.34
C LEU A 241 19.50 -17.86 36.15
N VAL A 242 18.68 -16.93 36.62
CA VAL A 242 18.98 -15.52 36.45
C VAL A 242 20.25 -15.15 37.20
N LEU A 243 20.40 -15.61 38.43
CA LEU A 243 21.59 -15.27 39.21
C LEU A 243 22.85 -15.83 38.55
N VAL A 244 22.82 -17.08 38.11
CA VAL A 244 24.00 -17.66 37.49
C VAL A 244 24.34 -16.95 36.18
N LYS A 245 23.33 -16.70 35.35
CA LYS A 245 23.59 -16.06 34.06
C LYS A 245 24.02 -14.61 34.20
N GLU A 246 23.67 -13.95 35.30
CA GLU A 246 24.15 -12.59 35.52
C GLU A 246 25.54 -12.56 36.13
N LEU A 247 25.81 -13.44 37.10
CA LEU A 247 27.14 -13.49 37.71
C LEU A 247 28.20 -14.01 36.76
N ASN A 248 27.82 -14.86 35.78
CA ASN A 248 28.80 -15.30 34.80
C ASN A 248 29.18 -14.18 33.84
N GLU A 249 28.21 -13.36 33.44
CA GLU A 249 28.49 -12.28 32.52
C GLU A 249 29.20 -11.12 33.21
N GLN A 250 28.87 -10.85 34.47
CA GLN A 250 29.48 -9.72 35.16
C GLN A 250 30.98 -9.93 35.38
N PHE A 251 31.40 -11.15 35.67
CA PHE A 251 32.80 -11.46 35.94
C PHE A 251 33.40 -12.37 34.88
N LYS A 252 33.09 -12.09 33.61
CA LYS A 252 33.60 -12.91 32.51
C LYS A 252 35.11 -12.80 32.36
N ARG A 253 35.72 -11.72 32.85
CA ARG A 253 37.16 -11.57 32.71
C ARG A 253 37.94 -12.52 33.61
N LYS A 254 37.38 -12.90 34.75
CA LYS A 254 38.06 -13.81 35.66
C LYS A 254 37.87 -15.27 35.25
N ILE A 255 36.69 -15.63 34.78
CA ILE A 255 36.40 -16.97 34.28
C ILE A 255 36.09 -16.85 32.79
N LYS A 256 37.02 -17.31 31.95
CA LYS A 256 36.90 -17.16 30.50
C LYS A 256 36.18 -18.34 29.86
N VAL A 257 35.01 -18.68 30.39
CA VAL A 257 34.17 -19.75 29.89
C VAL A 257 32.71 -19.35 30.08
N VAL A 258 31.81 -20.19 29.55
CA VAL A 258 30.38 -20.02 29.72
C VAL A 258 29.87 -21.19 30.53
N LEU A 259 29.25 -20.89 31.68
CA LEU A 259 28.80 -21.93 32.59
C LEU A 259 27.55 -22.61 32.03
N PRO A 260 27.56 -23.93 31.86
CA PRO A 260 26.38 -24.64 31.34
C PRO A 260 25.35 -24.90 32.44
N VAL A 261 24.72 -23.82 32.89
CA VAL A 261 23.73 -23.92 33.98
C VAL A 261 22.47 -24.66 33.55
N ASP A 262 22.06 -24.54 32.28
CA ASP A 262 20.84 -25.20 31.83
C ASP A 262 20.96 -26.71 31.94
N LEU A 263 22.10 -27.27 31.50
CA LEU A 263 22.28 -28.72 31.56
C LEU A 263 22.31 -29.23 33.00
N VAL A 264 23.01 -28.52 33.88
CA VAL A 264 23.07 -28.92 35.28
C VAL A 264 21.69 -28.86 35.91
N LEU A 265 20.94 -27.80 35.63
CA LEU A 265 19.59 -27.68 36.18
C LEU A 265 18.69 -28.80 35.66
N ILE A 266 18.78 -29.12 34.37
CA ILE A 266 17.96 -30.18 33.81
C ILE A 266 18.29 -31.52 34.46
N ILE A 267 19.59 -31.83 34.60
CA ILE A 267 19.98 -33.09 35.19
C ILE A 267 19.52 -33.18 36.64
N ALA A 268 19.71 -32.10 37.41
CA ALA A 268 19.31 -32.11 38.81
C ALA A 268 17.80 -32.27 38.95
N ALA A 269 17.02 -31.55 38.15
CA ALA A 269 15.57 -31.66 38.22
C ALA A 269 15.10 -33.06 37.84
N SER A 270 15.68 -33.63 36.77
CA SER A 270 15.28 -34.97 36.36
C SER A 270 15.62 -36.00 37.43
N PHE A 271 16.81 -35.90 38.03
CA PHE A 271 17.17 -36.85 39.08
C PHE A 271 16.31 -36.68 40.31
N ALA A 272 15.97 -35.45 40.68
CA ALA A 272 15.08 -35.24 41.82
C ALA A 272 13.70 -35.81 41.56
N CYS A 273 13.20 -35.64 40.34
CA CYS A 273 11.89 -36.19 40.00
C CYS A 273 11.90 -37.71 39.99
N TYR A 274 12.97 -38.33 39.48
CA TYR A 274 13.01 -39.78 39.42
C TYR A 274 13.23 -40.41 40.79
N CYS A 275 14.16 -39.87 41.57
CA CYS A 275 14.47 -40.42 42.89
C CYS A 275 13.31 -40.34 43.85
N THR A 276 12.40 -39.39 43.65
CA THR A 276 11.18 -39.28 44.42
C THR A 276 10.02 -39.77 43.56
N ASN A 277 8.80 -39.60 44.06
CA ASN A 277 7.61 -39.97 43.29
C ASN A 277 6.86 -38.71 42.92
N MET A 278 7.60 -37.68 42.50
CA MET A 278 7.04 -36.37 42.21
C MET A 278 6.01 -36.40 41.09
N GLU A 279 5.99 -37.45 40.27
CA GLU A 279 4.94 -37.58 39.27
C GLU A 279 3.59 -37.92 39.90
N ASN A 280 3.59 -38.70 40.97
CA ASN A 280 2.36 -39.19 41.59
C ASN A 280 1.99 -38.43 42.86
N THR A 281 2.95 -38.19 43.76
CA THR A 281 2.63 -37.53 45.02
C THR A 281 2.10 -36.12 44.80
N TYR A 282 2.74 -35.38 43.88
CA TYR A 282 2.28 -34.05 43.51
C TYR A 282 1.92 -34.04 42.03
N GLY A 283 0.83 -33.35 41.70
CA GLY A 283 0.43 -33.24 40.31
C GLY A 283 1.41 -32.42 39.50
N LEU A 284 2.19 -33.07 38.66
CA LEU A 284 3.20 -32.41 37.84
C LEU A 284 3.15 -32.95 36.43
N GLU A 285 3.41 -32.08 35.46
CA GLU A 285 3.43 -32.46 34.06
C GLU A 285 4.87 -32.71 33.62
N VAL A 286 5.10 -33.83 32.96
CA VAL A 286 6.44 -34.22 32.51
C VAL A 286 6.37 -34.58 31.03
N VAL A 287 7.54 -34.59 30.40
CA VAL A 287 7.63 -34.94 28.98
C VAL A 287 7.37 -36.43 28.82
N GLY A 288 6.44 -36.78 27.93
CA GLY A 288 5.89 -38.12 27.93
C GLY A 288 6.77 -39.26 27.47
N HIS A 289 7.04 -39.37 26.17
CA HIS A 289 7.70 -40.56 25.65
C HIS A 289 9.05 -40.25 25.00
N ILE A 290 9.09 -39.38 24.00
CA ILE A 290 10.26 -39.15 23.17
C ILE A 290 10.83 -40.49 22.70
N PRO A 291 10.16 -41.20 21.80
CA PRO A 291 10.68 -42.48 21.33
C PRO A 291 11.84 -42.30 20.35
N GLN A 292 12.65 -43.35 20.24
CA GLN A 292 13.73 -43.38 19.26
C GLN A 292 13.14 -43.43 17.85
N GLY A 293 13.50 -42.47 17.01
CA GLY A 293 12.75 -42.26 15.79
C GLY A 293 13.55 -42.08 14.51
N ILE A 294 13.34 -40.94 13.87
CA ILE A 294 13.77 -40.68 12.48
C ILE A 294 13.21 -41.78 11.59
N PRO A 295 11.90 -41.79 11.34
CA PRO A 295 11.33 -42.83 10.47
C PRO A 295 11.55 -42.54 8.99
N SER A 296 10.97 -43.37 8.13
CA SER A 296 11.10 -43.16 6.70
C SER A 296 10.38 -41.86 6.30
N PRO A 297 10.98 -41.06 5.41
CA PRO A 297 10.33 -39.82 5.00
C PRO A 297 9.04 -40.07 4.25
N ARG A 298 8.08 -39.17 4.41
CA ARG A 298 6.78 -39.27 3.76
C ARG A 298 6.36 -37.90 3.26
N ALA A 299 5.65 -37.90 2.13
CA ALA A 299 5.22 -36.65 1.54
C ALA A 299 4.12 -36.01 2.37
N PRO A 300 4.03 -34.69 2.38
CA PRO A 300 2.96 -34.01 3.12
C PRO A 300 1.62 -34.21 2.45
N PRO A 301 0.51 -34.01 3.17
CA PRO A 301 -0.81 -34.21 2.58
C PRO A 301 -1.25 -33.04 1.71
N MET A 302 -0.86 -33.07 0.43
CA MET A 302 -1.12 -31.96 -0.49
C MET A 302 -2.60 -31.62 -0.64
N ASN A 303 -3.51 -32.45 -0.11
CA ASN A 303 -4.94 -32.20 -0.29
C ASN A 303 -5.46 -31.11 0.63
N ILE A 304 -4.68 -30.66 1.62
CA ILE A 304 -5.13 -29.64 2.54
C ILE A 304 -4.28 -28.37 2.38
N LEU A 305 -3.61 -28.25 1.24
CA LEU A 305 -2.77 -27.08 0.98
C LEU A 305 -3.57 -25.81 0.78
N SER A 306 -4.89 -25.90 0.60
CA SER A 306 -5.70 -24.71 0.37
C SER A 306 -6.24 -24.10 1.65
N ALA A 307 -6.19 -24.83 2.76
CA ALA A 307 -6.73 -24.34 4.03
C ALA A 307 -5.67 -23.70 4.93
N VAL A 308 -4.42 -23.65 4.49
CA VAL A 308 -3.34 -23.14 5.33
C VAL A 308 -2.57 -22.04 4.61
N ILE A 309 -3.25 -21.31 3.73
CA ILE A 309 -2.57 -20.28 2.94
C ILE A 309 -2.10 -19.14 3.84
N THR A 310 -2.98 -18.64 4.71
CA THR A 310 -2.63 -17.51 5.56
C THR A 310 -1.49 -17.86 6.52
N GLU A 311 -1.55 -19.05 7.13
CA GLU A 311 -0.48 -19.47 8.03
C GLU A 311 0.84 -19.60 7.29
N ALA A 312 0.81 -20.15 6.08
CA ALA A 312 2.02 -20.30 5.29
C ALA A 312 2.62 -18.94 4.95
N PHE A 313 1.79 -17.99 4.52
CA PHE A 313 2.29 -16.66 4.21
C PHE A 313 2.90 -15.99 5.44
N GLY A 314 2.20 -16.07 6.59
CA GLY A 314 2.72 -15.47 7.80
C GLY A 314 4.04 -16.07 8.23
N VAL A 315 4.14 -17.39 8.19
CA VAL A 315 5.39 -18.06 8.56
C VAL A 315 6.52 -17.64 7.62
N ALA A 316 6.28 -17.74 6.31
CA ALA A 316 7.31 -17.43 5.33
C ALA A 316 7.76 -15.99 5.40
N LEU A 317 6.91 -15.07 5.86
CA LEU A 317 7.34 -13.69 5.99
C LEU A 317 8.07 -13.43 7.29
N VAL A 318 7.47 -13.81 8.43
CA VAL A 318 8.06 -13.46 9.72
C VAL A 318 9.36 -14.21 9.95
N GLY A 319 9.43 -15.50 9.61
CA GLY A 319 10.69 -16.22 9.78
C GLY A 319 11.80 -15.61 8.95
N TYR A 320 11.51 -15.26 7.70
CA TYR A 320 12.53 -14.67 6.84
C TYR A 320 13.01 -13.33 7.38
N VAL A 321 12.10 -12.45 7.80
CA VAL A 321 12.55 -11.14 8.26
C VAL A 321 13.35 -11.29 9.55
N ALA A 322 12.90 -12.15 10.47
CA ALA A 322 13.62 -12.33 11.72
C ALA A 322 14.99 -12.96 11.52
N SER A 323 15.13 -13.87 10.57
CA SER A 323 16.45 -14.45 10.29
C SER A 323 17.35 -13.48 9.55
N LEU A 324 16.80 -12.70 8.63
CA LEU A 324 17.60 -11.73 7.88
C LEU A 324 18.13 -10.63 8.79
N ALA A 325 17.35 -10.21 9.79
CA ALA A 325 17.87 -9.22 10.73
C ALA A 325 19.13 -9.72 11.43
N LEU A 326 19.10 -10.97 11.92
CA LEU A 326 20.25 -11.53 12.60
C LEU A 326 21.43 -11.71 11.64
N ALA A 327 21.16 -12.16 10.41
CA ALA A 327 22.23 -12.34 9.44
C ALA A 327 22.90 -11.01 9.11
N GLN A 328 22.11 -9.96 8.90
CA GLN A 328 22.68 -8.65 8.63
C GLN A 328 23.46 -8.11 9.82
N GLY A 329 22.96 -8.33 11.04
CA GLY A 329 23.72 -7.91 12.21
C GLY A 329 25.05 -8.61 12.31
N SER A 330 25.08 -9.92 12.07
CA SER A 330 26.34 -10.66 12.08
C SER A 330 27.28 -10.16 11.00
N ALA A 331 26.77 -9.93 9.80
CA ALA A 331 27.61 -9.43 8.71
C ALA A 331 28.19 -8.06 9.02
N LYS A 332 27.39 -7.17 9.61
CA LYS A 332 27.90 -5.86 9.99
C LYS A 332 28.95 -5.96 11.09
N LYS A 333 28.72 -6.85 12.07
CA LYS A 333 29.65 -6.94 13.18
C LYS A 333 30.99 -7.55 12.77
N PHE A 334 30.96 -8.58 11.92
CA PHE A 334 32.18 -9.33 11.60
C PHE A 334 32.78 -8.93 10.25
N LYS A 335 32.28 -7.86 9.62
CA LYS A 335 32.88 -7.27 8.43
C LYS A 335 32.95 -8.28 7.27
N TYR A 336 31.77 -8.69 6.83
CA TYR A 336 31.63 -9.46 5.60
C TYR A 336 30.30 -9.12 4.97
N SER A 337 30.18 -9.39 3.67
CA SER A 337 29.02 -8.99 2.89
C SER A 337 28.17 -10.22 2.57
N ILE A 338 26.87 -10.09 2.76
CA ILE A 338 25.93 -11.16 2.46
C ILE A 338 24.97 -10.69 1.37
N ASP A 339 24.17 -11.63 0.87
CA ASP A 339 23.17 -11.35 -0.15
C ASP A 339 21.78 -11.52 0.45
N ASP A 340 20.94 -10.50 0.30
CA ASP A 340 19.59 -10.54 0.84
C ASP A 340 18.66 -11.47 0.06
N ASN A 341 19.10 -11.96 -1.10
CA ASN A 341 18.29 -12.86 -1.91
C ASN A 341 18.66 -14.32 -1.76
N GLN A 342 19.89 -14.63 -1.33
CA GLN A 342 20.27 -16.02 -1.12
C GLN A 342 19.61 -16.59 0.13
N GLU A 343 19.33 -15.75 1.12
CA GLU A 343 18.63 -16.21 2.32
C GLU A 343 17.25 -16.75 1.99
N PHE A 344 16.57 -16.16 1.01
CA PHE A 344 15.29 -16.68 0.56
C PHE A 344 15.43 -18.13 0.12
N LEU A 345 16.39 -18.40 -0.78
CA LEU A 345 16.58 -19.76 -1.27
C LEU A 345 16.99 -20.70 -0.15
N ALA A 346 17.87 -20.25 0.74
CA ALA A 346 18.32 -21.11 1.84
C ALA A 346 17.15 -21.52 2.72
N HIS A 347 16.35 -20.54 3.17
CA HIS A 347 15.24 -20.85 4.06
C HIS A 347 14.16 -21.67 3.36
N GLY A 348 13.86 -21.34 2.10
CA GLY A 348 12.86 -22.11 1.37
C GLY A 348 13.28 -23.55 1.17
N LEU A 349 14.54 -23.77 0.77
CA LEU A 349 15.02 -25.13 0.60
C LEU A 349 15.04 -25.88 1.92
N SER A 350 15.47 -25.23 3.00
CA SER A 350 15.47 -25.89 4.31
C SER A 350 14.06 -26.32 4.70
N ASN A 351 13.08 -25.43 4.56
CA ASN A 351 11.71 -25.77 4.92
C ASN A 351 11.16 -26.88 4.04
N ILE A 352 11.41 -26.81 2.73
CA ILE A 352 10.87 -27.81 1.81
C ILE A 352 11.46 -29.18 2.10
N VAL A 353 12.78 -29.24 2.29
CA VAL A 353 13.43 -30.52 2.57
C VAL A 353 13.01 -31.06 3.92
N SER A 354 12.91 -30.21 4.94
CA SER A 354 12.56 -30.66 6.28
C SER A 354 11.08 -30.98 6.44
N SER A 355 10.23 -30.55 5.49
CA SER A 355 8.82 -30.89 5.57
C SER A 355 8.55 -32.37 5.35
N PHE A 356 9.48 -33.10 4.72
CA PHE A 356 9.28 -34.51 4.46
C PHE A 356 9.62 -35.41 5.64
N PHE A 357 10.11 -34.83 6.75
CA PHE A 357 10.50 -35.60 7.92
C PHE A 357 9.68 -35.21 9.15
N PHE A 358 8.43 -34.78 8.94
CA PHE A 358 7.50 -34.46 10.02
C PHE A 358 8.08 -33.38 10.94
N CYS A 359 8.25 -32.19 10.37
CA CYS A 359 8.86 -31.08 11.08
C CYS A 359 7.96 -29.85 11.02
N ILE A 360 8.04 -29.05 12.07
CA ILE A 360 7.31 -27.79 12.17
C ILE A 360 8.09 -26.72 11.42
N PRO A 361 7.49 -25.56 11.08
CA PRO A 361 8.24 -24.52 10.37
C PRO A 361 9.47 -24.07 11.16
N SER A 362 10.52 -23.73 10.41
CA SER A 362 11.83 -23.47 10.98
C SER A 362 12.31 -22.08 10.62
N ALA A 363 13.08 -21.47 11.51
CA ALA A 363 13.70 -20.17 11.29
C ALA A 363 14.84 -20.02 12.28
N ALA A 364 15.38 -18.81 12.38
CA ALA A 364 16.52 -18.53 13.25
C ALA A 364 16.07 -17.70 14.46
N ALA A 365 16.56 -18.09 15.63
CA ALA A 365 16.22 -17.45 16.88
C ALA A 365 17.38 -16.61 17.40
N MET A 366 17.05 -15.55 18.13
CA MET A 366 18.07 -14.63 18.63
C MET A 366 18.86 -15.22 19.78
N GLY A 367 18.26 -16.10 20.59
CA GLY A 367 18.98 -16.67 21.71
C GLY A 367 20.17 -17.51 21.28
N ARG A 368 19.99 -18.33 20.25
CA ARG A 368 21.09 -19.14 19.75
C ARG A 368 22.21 -18.27 19.16
N THR A 369 21.85 -17.20 18.46
CA THR A 369 22.87 -16.29 17.94
C THR A 369 23.63 -15.61 19.07
N ALA A 370 22.93 -15.19 20.12
CA ALA A 370 23.62 -14.61 21.27
C ALA A 370 24.53 -15.62 21.95
N GLY A 371 24.08 -16.87 22.06
CA GLY A 371 24.95 -17.90 22.62
C GLY A 371 26.19 -18.15 21.78
N LEU A 372 26.02 -18.15 20.45
CA LEU A 372 27.18 -18.30 19.57
C LEU A 372 28.13 -17.12 19.71
N TYR A 373 27.60 -15.90 19.85
CA TYR A 373 28.45 -14.74 20.08
C TYR A 373 29.23 -14.88 21.38
N SER A 374 28.55 -15.30 22.46
CA SER A 374 29.20 -15.39 23.75
C SER A 374 30.26 -16.49 23.79
N THR A 375 29.97 -17.65 23.20
CA THR A 375 30.92 -18.75 23.23
C THR A 375 32.16 -18.45 22.40
N GLY A 376 31.99 -17.84 21.23
CA GLY A 376 33.12 -17.51 20.39
C GLY A 376 33.21 -18.33 19.12
N ALA A 377 32.06 -18.66 18.54
CA ALA A 377 32.04 -19.43 17.30
C ALA A 377 32.60 -18.59 16.15
N LYS A 378 33.12 -19.28 15.14
CA LYS A 378 33.75 -18.64 14.00
C LYS A 378 33.09 -18.96 12.68
N THR A 379 32.68 -20.21 12.47
CA THR A 379 32.09 -20.61 11.18
C THR A 379 30.79 -21.37 11.39
N GLN A 380 30.27 -21.95 10.30
CA GLN A 380 29.03 -22.72 10.34
C GLN A 380 29.25 -24.16 10.78
N VAL A 381 30.49 -24.55 11.10
CA VAL A 381 30.75 -25.88 11.61
C VAL A 381 30.06 -26.11 12.96
N ALA A 382 29.97 -25.06 13.80
CA ALA A 382 29.30 -25.20 15.09
C ALA A 382 27.83 -25.59 14.95
N CYS A 383 27.23 -25.38 13.79
CA CYS A 383 25.85 -25.80 13.54
C CYS A 383 25.75 -27.25 13.07
N LEU A 384 26.88 -27.92 12.89
CA LEU A 384 26.90 -29.33 12.52
C LEU A 384 27.29 -30.25 13.67
N ILE A 385 28.18 -29.82 14.55
CA ILE A 385 28.46 -30.59 15.76
C ILE A 385 27.21 -30.64 16.64
N SER A 386 26.44 -29.56 16.67
CA SER A 386 25.17 -29.58 17.38
C SER A 386 24.20 -30.57 16.74
N CYS A 387 24.20 -30.67 15.41
CA CYS A 387 23.37 -31.66 14.74
C CYS A 387 23.79 -33.07 15.11
N ILE A 388 25.11 -33.32 15.17
CA ILE A 388 25.61 -34.63 15.57
C ILE A 388 25.16 -34.97 16.98
N PHE A 389 25.27 -34.01 17.90
CA PHE A 389 24.85 -34.26 19.27
C PHE A 389 23.34 -34.45 19.38
N VAL A 390 22.56 -33.74 18.57
CA VAL A 390 21.11 -33.95 18.56
C VAL A 390 20.78 -35.34 18.06
N LEU A 391 21.51 -35.81 17.04
CA LEU A 391 21.32 -37.18 16.55
C LEU A 391 21.64 -38.19 17.64
N ILE A 392 22.73 -37.95 18.38
CA ILE A 392 23.10 -38.84 19.49
C ILE A 392 22.00 -38.86 20.54
N VAL A 393 21.46 -37.69 20.86
CA VAL A 393 20.38 -37.60 21.84
C VAL A 393 19.16 -38.37 21.36
N ILE A 394 18.83 -38.22 20.07
CA ILE A 394 17.65 -38.88 19.52
C ILE A 394 17.80 -40.40 19.60
N TYR A 395 18.96 -40.91 19.21
CA TYR A 395 19.12 -42.36 19.09
C TYR A 395 19.60 -43.03 20.36
N ALA A 396 20.04 -42.28 21.38
CA ALA A 396 20.62 -42.88 22.57
C ALA A 396 19.85 -42.57 23.84
N ILE A 397 19.61 -41.29 24.14
CA ILE A 397 19.04 -40.91 25.42
C ILE A 397 17.67 -40.26 25.21
N GLY A 398 16.95 -40.69 24.18
CA GLY A 398 15.61 -40.23 23.95
C GLY A 398 14.65 -40.56 25.08
N PRO A 399 14.60 -41.84 25.50
CA PRO A 399 13.72 -42.21 26.61
C PRO A 399 14.20 -41.74 27.98
N LEU A 400 15.40 -41.15 28.07
CA LEU A 400 15.94 -40.71 29.35
C LEU A 400 15.39 -39.36 29.79
N LEU A 401 14.64 -38.66 28.94
CA LEU A 401 14.07 -37.36 29.27
C LEU A 401 12.63 -37.46 29.72
N TYR A 402 12.21 -38.61 30.25
CA TYR A 402 10.82 -38.77 30.69
C TYR A 402 10.53 -37.97 31.95
N TRP A 403 11.52 -37.83 32.84
CA TRP A 403 11.29 -37.26 34.17
C TRP A 403 11.69 -35.79 34.25
N LEU A 404 11.48 -35.03 33.18
CA LEU A 404 11.79 -33.61 33.20
C LEU A 404 10.50 -32.82 33.39
N PRO A 405 10.31 -32.14 34.52
CA PRO A 405 9.07 -31.38 34.73
C PRO A 405 8.94 -30.24 33.73
N MET A 406 7.68 -29.93 33.39
CA MET A 406 7.43 -28.87 32.42
C MET A 406 7.67 -27.48 33.00
N CYS A 407 7.56 -27.32 34.32
CA CYS A 407 7.82 -26.02 34.92
C CYS A 407 9.26 -25.60 34.71
N VAL A 408 10.21 -26.53 34.85
CA VAL A 408 11.61 -26.21 34.64
C VAL A 408 11.85 -25.80 33.19
N LEU A 409 11.26 -26.51 32.24
CA LEU A 409 11.42 -26.17 30.83
C LEU A 409 10.84 -24.80 30.52
N ALA A 410 9.66 -24.50 31.05
CA ALA A 410 9.07 -23.19 30.83
C ALA A 410 9.91 -22.08 31.46
N SER A 411 10.47 -22.33 32.64
CA SER A 411 11.35 -21.35 33.26
C SER A 411 12.60 -21.12 32.43
N ILE A 412 13.16 -22.19 31.87
CA ILE A 412 14.33 -22.05 31.01
C ILE A 412 13.98 -21.20 29.79
N ILE A 413 12.80 -21.44 29.20
CA ILE A 413 12.40 -20.68 28.02
C ILE A 413 12.22 -19.20 28.35
N VAL A 414 11.51 -18.90 29.45
CA VAL A 414 11.28 -17.50 29.79
C VAL A 414 12.57 -16.80 30.20
N VAL A 415 13.54 -17.53 30.77
CA VAL A 415 14.83 -16.93 31.05
C VAL A 415 15.59 -16.65 29.75
N GLY A 416 15.55 -17.59 28.80
CA GLY A 416 16.22 -17.41 27.53
C GLY A 416 15.61 -16.33 26.65
N LEU A 417 14.35 -15.97 26.88
CA LEU A 417 13.71 -14.88 26.16
C LEU A 417 14.19 -13.50 26.62
N LYS A 418 15.24 -13.44 27.45
CA LYS A 418 15.70 -12.16 27.99
C LYS A 418 16.22 -11.25 26.90
N GLY A 419 16.95 -11.80 25.92
CA GLY A 419 17.47 -10.96 24.85
C GLY A 419 16.37 -10.30 24.04
N MET A 420 15.29 -11.02 23.75
CA MET A 420 14.16 -10.43 23.05
C MET A 420 13.41 -9.44 23.92
N LEU A 421 13.26 -9.73 25.22
CA LEU A 421 12.49 -8.86 26.09
C LEU A 421 13.23 -7.58 26.46
N ILE A 422 14.56 -7.56 26.36
CA ILE A 422 15.32 -6.39 26.77
C ILE A 422 15.26 -5.25 25.77
N GLN A 423 14.64 -5.46 24.61
CA GLN A 423 14.61 -4.45 23.56
C GLN A 423 13.73 -3.25 23.89
N PHE A 424 13.19 -3.17 25.12
CA PHE A 424 12.39 -2.01 25.51
C PHE A 424 13.24 -0.76 25.68
N ARG A 425 14.57 -0.91 25.74
CA ARG A 425 15.45 0.24 25.96
C ARG A 425 15.69 1.06 24.70
N ASP A 426 15.26 0.57 23.53
CA ASP A 426 15.38 1.33 22.30
C ASP A 426 14.42 2.52 22.23
N LEU A 427 13.44 2.56 23.12
CA LEU A 427 12.49 3.67 23.13
C LEU A 427 13.18 4.99 23.45
N LYS A 428 14.15 4.98 24.36
CA LYS A 428 14.88 6.21 24.66
C LYS A 428 15.63 6.72 23.44
N LYS A 429 16.30 5.82 22.71
CA LYS A 429 17.01 6.23 21.51
C LYS A 429 16.05 6.77 20.45
N TYR A 430 14.95 6.08 20.21
CA TYR A 430 13.99 6.54 19.21
C TYR A 430 13.31 7.84 19.63
N TRP A 431 13.20 8.09 20.93
CA TRP A 431 12.62 9.34 21.42
C TRP A 431 13.60 10.50 21.30
N ASN A 432 14.89 10.25 21.54
CA ASN A 432 15.88 11.30 21.46
C ASN A 432 16.41 11.55 20.06
N VAL A 433 16.11 10.67 19.10
CA VAL A 433 16.64 10.84 17.74
C VAL A 433 15.60 11.48 16.83
N ASP A 434 14.46 10.82 16.67
CA ASP A 434 13.49 11.26 15.65
C ASP A 434 12.13 11.65 16.20
N LYS A 435 11.64 10.97 17.24
CA LYS A 435 10.31 11.16 17.82
C LYS A 435 9.18 10.76 16.89
N ILE A 436 9.49 10.23 15.71
CA ILE A 436 8.48 9.72 14.79
C ILE A 436 8.52 8.20 14.72
N ASP A 437 9.72 7.60 14.66
CA ASP A 437 9.82 6.16 14.80
C ASP A 437 9.49 5.70 16.22
N TRP A 438 9.49 6.61 17.18
CA TRP A 438 8.98 6.28 18.51
C TRP A 438 7.49 5.93 18.43
N GLY A 439 6.72 6.75 17.72
CA GLY A 439 5.31 6.45 17.53
C GLY A 439 5.08 5.19 16.73
N ILE A 440 5.90 4.95 15.70
CA ILE A 440 5.80 3.72 14.93
C ILE A 440 6.08 2.51 15.80
N TRP A 441 7.11 2.61 16.64
CA TRP A 441 7.43 1.52 17.56
C TRP A 441 6.28 1.24 18.51
N VAL A 442 5.72 2.30 19.09
CA VAL A 442 4.62 2.11 20.04
C VAL A 442 3.41 1.49 19.36
N SER A 443 3.05 2.00 18.18
CA SER A 443 1.89 1.47 17.46
C SER A 443 2.09 0.02 17.05
N THR A 444 3.28 -0.31 16.55
CA THR A 444 3.56 -1.69 16.16
C THR A 444 3.52 -2.62 17.36
N TYR A 445 4.08 -2.18 18.50
CA TYR A 445 4.02 -3.01 19.70
C TYR A 445 2.59 -3.23 20.16
N VAL A 446 1.77 -2.19 20.13
CA VAL A 446 0.38 -2.33 20.56
C VAL A 446 -0.38 -3.28 19.64
N PHE A 447 -0.22 -3.12 18.32
CA PHE A 447 -0.90 -4.01 17.39
C PHE A 447 -0.40 -5.44 17.46
N THR A 448 0.88 -5.64 17.76
CA THR A 448 1.40 -6.99 17.92
C THR A 448 0.88 -7.64 19.19
N ILE A 449 0.81 -6.88 20.28
CA ILE A 449 0.28 -7.42 21.53
C ILE A 449 -1.21 -7.66 21.45
N CYS A 450 -1.92 -6.95 20.56
CA CYS A 450 -3.36 -7.19 20.44
C CYS A 450 -3.66 -8.35 19.51
N PHE A 451 -3.36 -8.20 18.22
CA PHE A 451 -3.78 -9.20 17.22
C PHE A 451 -2.80 -10.36 17.11
N ALA A 452 -1.60 -10.09 16.62
CA ALA A 452 -0.62 -11.13 16.32
C ALA A 452 0.70 -10.51 15.84
N ALA A 453 1.70 -11.36 15.57
CA ALA A 453 2.98 -10.87 15.07
C ALA A 453 2.90 -10.44 13.61
N ASN A 454 2.27 -11.24 12.76
CA ASN A 454 2.21 -10.91 11.34
C ASN A 454 1.36 -9.67 11.09
N VAL A 455 0.24 -9.54 11.79
CA VAL A 455 -0.58 -8.33 11.66
C VAL A 455 0.20 -7.11 12.10
N GLY A 456 0.96 -7.23 13.20
CA GLY A 456 1.77 -6.11 13.64
C GLY A 456 2.84 -5.73 12.63
N LEU A 457 3.48 -6.73 12.02
CA LEU A 457 4.50 -6.44 11.00
C LEU A 457 3.87 -5.74 9.79
N LEU A 458 2.73 -6.23 9.33
CA LEU A 458 2.07 -5.60 8.19
C LEU A 458 1.66 -4.17 8.52
N PHE A 459 1.10 -3.96 9.72
CA PHE A 459 0.71 -2.61 10.12
C PHE A 459 1.92 -1.69 10.19
N GLY A 460 3.03 -2.16 10.75
CA GLY A 460 4.22 -1.34 10.82
C GLY A 460 4.75 -0.96 9.46
N VAL A 461 4.79 -1.92 8.53
CA VAL A 461 5.28 -1.63 7.18
C VAL A 461 4.38 -0.60 6.49
N VAL A 462 3.06 -0.82 6.57
CA VAL A 462 2.13 0.09 5.91
C VAL A 462 2.22 1.48 6.52
N CYS A 463 2.30 1.56 7.85
CA CYS A 463 2.39 2.86 8.52
C CYS A 463 3.68 3.58 8.15
N THR A 464 4.80 2.86 8.08
CA THR A 464 6.05 3.49 7.68
C THR A 464 5.98 4.04 6.27
N ILE A 465 5.43 3.25 5.34
CA ILE A 465 5.33 3.71 3.96
C ILE A 465 4.42 4.94 3.87
N ALA A 466 3.27 4.90 4.55
CA ALA A 466 2.36 6.03 4.50
C ALA A 466 2.97 7.28 5.11
N ILE A 467 3.69 7.14 6.23
CA ILE A 467 4.31 8.29 6.87
C ILE A 467 5.38 8.90 5.97
N VAL A 468 6.22 8.05 5.35
CA VAL A 468 7.25 8.59 4.47
C VAL A 468 6.65 9.21 3.22
N ILE A 469 5.51 8.72 2.76
CA ILE A 469 4.84 9.35 1.62
C ILE A 469 4.27 10.70 2.00
N GLY A 470 3.65 10.80 3.18
CA GLY A 470 2.96 12.01 3.59
C GLY A 470 3.89 13.13 4.04
N ARG A 471 5.19 12.87 4.19
CA ARG A 471 6.12 13.90 4.61
C ARG A 471 6.63 14.74 3.45
N PHE A 472 6.62 14.20 2.23
CA PHE A 472 7.15 14.84 1.05
C PHE A 472 6.46 16.18 0.72
N PRO A 473 5.13 16.27 0.72
CA PRO A 473 4.49 17.55 0.39
C PRO A 473 4.69 18.64 1.43
N ARG A 474 5.32 18.35 2.57
CA ARG A 474 5.51 19.33 3.64
C ARG A 474 6.97 19.73 3.81
N ALA A 475 7.81 19.45 2.83
CA ALA A 475 9.24 19.77 2.89
C ALA A 475 9.59 20.76 1.79
N MET A 476 10.51 21.67 2.12
CA MET A 476 10.95 22.66 1.15
C MET A 476 11.69 21.99 0.00
N THR A 477 11.35 22.37 -1.23
CA THR A 477 11.92 21.75 -2.41
C THR A 477 13.15 22.50 -2.93
N VAL A 478 13.10 23.83 -2.96
CA VAL A 478 14.15 24.63 -3.56
C VAL A 478 14.95 25.32 -2.45
N SER A 479 16.20 25.65 -2.77
CA SER A 479 17.07 26.33 -1.82
C SER A 479 17.65 27.57 -2.50
N ILE A 480 17.92 28.60 -1.70
CA ILE A 480 18.43 29.86 -2.21
C ILE A 480 19.93 29.95 -1.99
N LYS A 481 20.66 30.30 -3.05
CA LYS A 481 22.10 30.48 -2.97
C LYS A 481 22.45 31.97 -3.01
N ASN A 482 23.55 32.31 -2.35
CA ASN A 482 24.01 33.69 -2.29
C ASN A 482 24.64 34.12 -3.61
N VAL A 502 18.50 38.91 -10.54
CA VAL A 502 19.39 37.80 -10.83
C VAL A 502 19.63 36.97 -9.58
N LYS A 503 18.81 35.94 -9.38
CA LYS A 503 18.92 35.08 -8.21
C LYS A 503 19.05 33.64 -8.66
N ILE A 504 19.84 32.87 -7.91
CA ILE A 504 20.12 31.48 -8.21
C ILE A 504 19.35 30.61 -7.22
N ILE A 505 18.63 29.61 -7.74
CA ILE A 505 17.79 28.74 -6.95
C ILE A 505 18.15 27.30 -7.30
N SER A 506 18.46 26.50 -6.29
CA SER A 506 18.93 25.13 -6.50
C SER A 506 17.81 24.15 -6.22
N ILE A 507 17.63 23.18 -7.13
CA ILE A 507 16.63 22.12 -6.94
C ILE A 507 17.30 20.93 -6.26
N ASN A 508 16.58 20.29 -5.34
CA ASN A 508 17.21 19.29 -4.48
C ASN A 508 17.41 17.95 -5.21
N ASN A 509 16.33 17.25 -5.61
CA ASN A 509 16.44 16.10 -6.49
C ASN A 509 15.08 15.53 -6.92
N PRO A 510 14.33 14.82 -6.06
CA PRO A 510 13.21 14.05 -6.63
C PRO A 510 11.97 14.89 -6.91
N LEU A 511 11.97 15.53 -8.08
CA LEU A 511 10.80 16.28 -8.54
C LEU A 511 9.81 15.28 -9.12
N VAL A 512 8.91 14.80 -8.26
CA VAL A 512 7.94 13.78 -8.66
C VAL A 512 6.54 14.25 -8.30
N PHE A 513 5.54 13.40 -8.52
CA PHE A 513 4.16 13.75 -8.21
C PHE A 513 3.94 14.01 -6.73
N LEU A 514 4.84 13.51 -5.87
CA LEU A 514 4.70 13.76 -4.43
C LEU A 514 4.88 15.23 -4.09
N ASN A 515 5.84 15.89 -4.75
CA ASN A 515 6.18 17.27 -4.41
C ASN A 515 6.23 18.16 -5.66
N ALA A 516 5.23 18.04 -6.53
CA ALA A 516 5.18 18.93 -7.69
C ALA A 516 4.43 20.22 -7.37
N LYS A 517 3.24 20.11 -6.78
CA LYS A 517 2.50 21.29 -6.37
C LYS A 517 3.23 22.08 -5.30
N LYS A 518 3.87 21.41 -4.34
CA LYS A 518 4.68 22.10 -3.35
C LYS A 518 5.84 22.82 -4.00
N PHE A 519 6.48 22.20 -4.99
CA PHE A 519 7.57 22.87 -5.70
C PHE A 519 7.07 24.11 -6.42
N TYR A 520 5.91 24.01 -7.08
CA TYR A 520 5.35 25.18 -7.75
C TYR A 520 5.04 26.29 -6.76
N THR A 521 4.44 25.96 -5.63
CA THR A 521 4.13 26.97 -4.61
C THR A 521 5.41 27.61 -4.08
N ASP A 522 6.43 26.81 -3.80
CA ASP A 522 7.69 27.34 -3.29
C ASP A 522 8.35 28.26 -4.30
N LEU A 523 8.35 27.89 -5.57
CA LEU A 523 8.97 28.75 -6.58
C LEU A 523 8.17 30.02 -6.83
N MET A 524 6.84 29.95 -6.75
CA MET A 524 6.02 31.15 -6.95
C MET A 524 6.05 32.08 -5.74
N ASN A 525 6.29 31.57 -4.54
CA ASN A 525 6.39 32.40 -3.35
C ASN A 525 7.75 33.04 -3.20
N MET A 526 8.61 32.97 -4.23
CA MET A 526 9.97 33.48 -4.15
C MET A 526 10.26 34.54 -5.20
N ILE A 527 9.23 35.19 -5.74
CA ILE A 527 9.42 36.25 -6.73
C ILE A 527 8.75 37.52 -6.26
N CYS A 570 14.39 40.37 -12.56
CA CYS A 570 14.31 40.36 -14.02
C CYS A 570 15.04 39.16 -14.60
N TYR A 571 15.60 38.34 -13.72
CA TYR A 571 16.31 37.14 -14.14
C TYR A 571 16.24 36.11 -13.03
N LEU A 572 16.42 34.84 -13.40
CA LEU A 572 16.36 33.74 -12.45
C LEU A 572 17.09 32.55 -13.04
N ILE A 573 17.98 31.96 -12.25
CA ILE A 573 18.77 30.80 -12.67
C ILE A 573 18.37 29.62 -11.82
N LEU A 574 18.16 28.47 -12.46
CA LEU A 574 17.76 27.24 -11.77
C LEU A 574 18.91 26.24 -11.89
N ASP A 575 19.52 25.91 -10.75
CA ASP A 575 20.60 24.93 -10.69
C ASP A 575 19.98 23.56 -10.48
N CYS A 576 19.90 22.76 -11.56
CA CYS A 576 19.44 21.39 -11.49
C CYS A 576 20.61 20.43 -11.41
N SER A 577 21.48 20.61 -10.40
CA SER A 577 22.64 19.74 -10.27
C SER A 577 22.26 18.40 -9.66
N GLY A 578 21.64 18.42 -8.48
CA GLY A 578 21.18 17.19 -7.88
C GLY A 578 19.98 16.59 -8.59
N PHE A 579 19.28 17.42 -9.36
CA PHE A 579 18.07 16.99 -10.06
C PHE A 579 18.38 15.95 -11.12
N THR A 580 18.05 14.68 -10.83
CA THR A 580 18.27 13.60 -11.78
C THR A 580 17.07 12.66 -11.80
N PHE A 581 16.17 12.81 -10.84
CA PHE A 581 15.05 11.90 -10.62
C PHE A 581 13.76 12.70 -10.86
N PHE A 582 13.05 12.38 -11.94
CA PHE A 582 11.83 13.08 -12.31
C PHE A 582 10.88 12.14 -13.04
N ASP A 583 9.70 12.66 -13.35
CA ASP A 583 8.70 11.95 -14.14
C ASP A 583 7.87 13.00 -14.89
N TYR A 584 6.70 12.56 -15.38
CA TYR A 584 5.85 13.44 -16.17
C TYR A 584 5.38 14.64 -15.35
N SER A 585 5.03 14.42 -14.09
CA SER A 585 4.53 15.51 -13.25
C SER A 585 5.59 16.59 -13.05
N GLY A 586 6.84 16.17 -12.81
CA GLY A 586 7.91 17.14 -12.63
C GLY A 586 8.16 17.98 -13.86
N VAL A 587 8.19 17.32 -15.03
CA VAL A 587 8.40 18.04 -16.28
C VAL A 587 7.25 19.01 -16.54
N SER A 588 6.02 18.56 -16.31
CA SER A 588 4.87 19.43 -16.50
C SER A 588 4.93 20.65 -15.60
N MET A 589 5.27 20.45 -14.32
CA MET A 589 5.38 21.57 -13.40
C MET A 589 6.51 22.51 -13.79
N LEU A 590 7.64 21.98 -14.25
CA LEU A 590 8.75 22.84 -14.70
C LEU A 590 8.33 23.68 -15.90
N VAL A 591 7.64 23.08 -16.87
CA VAL A 591 7.23 23.82 -18.04
C VAL A 591 6.20 24.88 -17.67
N GLU A 592 5.26 24.54 -16.77
CA GLU A 592 4.28 25.52 -16.33
C GLU A 592 4.94 26.66 -15.58
N VAL A 593 5.95 26.36 -14.75
CA VAL A 593 6.70 27.40 -14.06
C VAL A 593 7.39 28.32 -15.05
N TYR A 594 8.02 27.73 -16.07
CA TYR A 594 8.70 28.54 -17.08
C TYR A 594 7.71 29.45 -17.82
N MET A 595 6.55 28.92 -18.19
CA MET A 595 5.55 29.71 -18.89
C MET A 595 5.04 30.85 -18.00
N ASP A 596 4.73 30.56 -16.73
CA ASP A 596 4.24 31.60 -15.84
C ASP A 596 5.30 32.65 -15.54
N CYS A 597 6.58 32.26 -15.44
CA CYS A 597 7.63 33.24 -15.23
C CYS A 597 7.84 34.11 -16.46
N LYS A 598 7.70 33.53 -17.65
CA LYS A 598 7.73 34.34 -18.86
C LYS A 598 6.56 35.32 -18.88
N GLY A 599 5.39 34.89 -18.40
CA GLY A 599 4.26 35.79 -18.29
C GLY A 599 4.52 36.95 -17.35
N ARG A 600 5.27 36.71 -16.27
CA ARG A 600 5.62 37.74 -15.31
C ARG A 600 6.88 38.50 -15.70
N SER A 601 7.34 38.34 -16.94
CA SER A 601 8.54 39.00 -17.45
C SER A 601 9.77 38.63 -16.63
N VAL A 602 9.87 37.36 -16.23
CA VAL A 602 11.03 36.84 -15.51
C VAL A 602 11.61 35.72 -16.36
N ASP A 603 12.89 35.86 -16.71
CA ASP A 603 13.55 34.85 -17.54
C ASP A 603 14.09 33.72 -16.67
N VAL A 604 13.85 32.49 -17.09
CA VAL A 604 14.30 31.30 -16.38
C VAL A 604 15.35 30.62 -17.24
N LEU A 605 16.53 30.40 -16.66
CA LEU A 605 17.64 29.74 -17.35
C LEU A 605 18.04 28.51 -16.56
N LEU A 606 18.13 27.37 -17.25
CA LEU A 606 18.54 26.13 -16.64
C LEU A 606 20.06 25.99 -16.68
N ALA A 607 20.61 25.32 -15.67
CA ALA A 607 22.06 25.30 -15.47
C ALA A 607 22.68 23.93 -15.74
N HIS A 608 22.22 22.88 -15.07
CA HIS A 608 22.86 21.57 -15.13
C HIS A 608 21.88 20.49 -15.53
N CYS A 609 21.03 20.77 -16.52
CA CYS A 609 20.08 19.78 -17.00
C CYS A 609 20.78 18.67 -17.76
N THR A 610 20.31 17.44 -17.55
CA THR A 610 20.86 16.29 -18.25
C THR A 610 20.25 16.19 -19.65
N ALA A 611 20.62 15.14 -20.38
CA ALA A 611 20.14 14.98 -21.74
C ALA A 611 18.67 14.59 -21.79
N SER A 612 18.27 13.63 -20.95
CA SER A 612 16.88 13.18 -20.94
C SER A 612 15.94 14.30 -20.50
N LEU A 613 16.31 15.04 -19.47
CA LEU A 613 15.48 16.14 -19.01
C LEU A 613 15.38 17.23 -20.07
N ILE A 614 16.49 17.53 -20.75
CA ILE A 614 16.46 18.54 -21.81
C ILE A 614 15.53 18.09 -22.93
N LYS A 615 15.63 16.83 -23.34
CA LYS A 615 14.78 16.34 -24.42
C LYS A 615 13.31 16.37 -24.03
N ALA A 616 12.99 15.93 -22.81
CA ALA A 616 11.60 15.92 -22.37
C ALA A 616 11.05 17.33 -22.27
N MET A 617 11.83 18.27 -21.73
CA MET A 617 11.33 19.63 -21.58
C MET A 617 11.20 20.33 -22.93
N THR A 618 12.09 20.03 -23.88
CA THR A 618 11.95 20.59 -25.21
C THR A 618 10.73 20.04 -25.93
N TYR A 619 10.46 18.75 -25.78
CA TYR A 619 9.28 18.18 -26.44
C TYR A 619 7.98 18.70 -25.83
N TYR A 620 7.90 18.69 -24.49
CA TYR A 620 6.64 19.04 -23.84
C TYR A 620 6.26 20.50 -24.09
N GLY A 621 7.20 21.41 -23.93
CA GLY A 621 6.93 22.82 -24.07
C GLY A 621 7.09 23.38 -25.46
N ASN A 622 7.45 22.54 -26.44
CA ASN A 622 7.68 22.99 -27.81
C ASN A 622 8.71 24.10 -27.86
N LEU A 623 9.76 23.96 -27.04
CA LEU A 623 10.80 24.97 -26.93
C LEU A 623 11.71 24.91 -28.15
N ASP A 624 11.96 26.07 -28.76
CA ASP A 624 12.86 26.14 -29.90
C ASP A 624 14.30 25.92 -29.45
N SER A 625 15.07 25.23 -30.29
CA SER A 625 16.46 24.93 -29.99
C SER A 625 17.41 26.06 -30.38
N GLU A 626 16.90 27.15 -30.95
CA GLU A 626 17.73 28.29 -31.37
C GLU A 626 17.63 29.46 -30.39
N LYS A 627 17.26 29.19 -29.14
CA LYS A 627 17.17 30.21 -28.10
C LYS A 627 17.91 29.67 -26.89
N PRO A 628 18.84 30.44 -26.32
CA PRO A 628 19.63 29.94 -25.18
C PRO A 628 18.81 29.83 -23.91
N ILE A 629 18.50 28.61 -23.50
CA ILE A 629 17.78 28.36 -22.25
C ILE A 629 18.59 27.40 -21.40
N PHE A 630 18.90 26.23 -21.97
CA PHE A 630 19.68 25.24 -21.25
C PHE A 630 21.17 25.53 -21.39
N PHE A 631 21.87 25.52 -20.28
CA PHE A 631 23.31 25.76 -20.25
C PHE A 631 24.01 24.56 -19.62
N GLU A 632 25.32 24.70 -19.40
CA GLU A 632 26.12 23.65 -18.80
C GLU A 632 26.61 23.95 -17.39
N SER A 633 26.62 25.23 -16.98
CA SER A 633 27.06 25.59 -15.64
C SER A 633 26.49 26.95 -15.29
N VAL A 634 26.51 27.27 -14.00
CA VAL A 634 26.02 28.56 -13.54
C VAL A 634 26.90 29.68 -14.04
N SER A 635 28.21 29.45 -14.13
CA SER A 635 29.11 30.47 -14.65
C SER A 635 28.81 30.79 -16.12
N ALA A 636 28.46 29.78 -16.91
CA ALA A 636 28.08 30.04 -18.29
C ALA A 636 26.82 30.90 -18.37
N ALA A 637 25.83 30.63 -17.52
CA ALA A 637 24.64 31.46 -17.50
C ALA A 637 24.96 32.89 -17.08
N ILE A 638 25.83 33.05 -16.09
CA ILE A 638 26.22 34.40 -15.66
C ILE A 638 26.93 35.14 -16.79
N SER A 639 27.82 34.45 -17.50
CA SER A 639 28.49 35.07 -18.64
C SER A 639 27.49 35.45 -19.73
N HIS A 640 26.50 34.60 -19.98
CA HIS A 640 25.45 34.94 -20.94
C HIS A 640 24.64 36.14 -20.48
N ILE A 641 24.49 36.33 -19.17
CA ILE A 641 23.76 37.48 -18.66
C ILE A 641 24.46 38.79 -19.06
N HIS A 642 25.79 38.82 -18.95
CA HIS A 642 26.56 40.02 -19.27
C HIS A 642 26.63 40.19 -20.78
N SER A 643 25.50 40.58 -21.36
CA SER A 643 25.39 40.82 -22.79
C SER A 643 24.18 41.69 -23.11
N CYS B 21 -13.60 33.09 18.07
CA CYS B 21 -14.74 33.97 17.80
C CYS B 21 -14.86 34.26 16.31
N GLU B 22 -14.10 35.24 15.83
CA GLU B 22 -14.16 35.60 14.42
C GLU B 22 -13.65 34.47 13.53
N ASP B 23 -12.73 33.66 14.03
CA ASP B 23 -12.21 32.54 13.25
C ASP B 23 -13.29 31.52 12.96
N ILE B 24 -14.17 31.27 13.94
CA ILE B 24 -15.27 30.32 13.73
C ILE B 24 -16.22 30.85 12.66
N ILE B 25 -16.53 32.14 12.70
CA ILE B 25 -17.40 32.73 11.68
C ILE B 25 -16.76 32.65 10.31
N GLN B 26 -15.45 32.90 10.24
CA GLN B 26 -14.74 32.80 8.98
C GLN B 26 -14.77 31.37 8.43
N TRP B 27 -14.60 30.38 9.31
CA TRP B 27 -14.69 28.99 8.90
C TRP B 27 -16.08 28.66 8.35
N CYS B 28 -17.11 29.08 9.08
CA CYS B 28 -18.48 28.83 8.64
C CYS B 28 -18.76 29.50 7.29
N ARG B 29 -18.26 30.72 7.09
CA ARG B 29 -18.42 31.38 5.80
C ARG B 29 -17.65 30.67 4.70
N ARG B 30 -16.48 30.10 5.04
CA ARG B 30 -15.72 29.32 4.07
C ARG B 30 -16.39 28.00 3.71
N ARG B 31 -17.26 27.47 4.56
CA ARG B 31 -18.01 26.27 4.24
C ARG B 31 -19.25 26.55 3.38
N LEU B 32 -19.50 27.81 3.04
CA LEU B 32 -20.61 28.20 2.17
C LEU B 32 -20.07 29.06 1.04
N PRO B 33 -19.51 28.44 0.00
CA PRO B 33 -18.89 29.21 -1.08
C PRO B 33 -19.85 29.98 -1.97
N ILE B 34 -21.17 29.82 -1.79
CA ILE B 34 -22.11 30.59 -2.59
C ILE B 34 -22.12 32.06 -2.19
N LEU B 35 -21.64 32.39 -1.00
CA LEU B 35 -21.62 33.77 -0.54
C LEU B 35 -20.49 34.59 -1.16
N ASP B 36 -19.57 33.95 -1.88
CA ASP B 36 -18.44 34.66 -2.47
C ASP B 36 -18.72 35.15 -3.88
N TRP B 37 -19.66 34.54 -4.60
CA TRP B 37 -19.95 34.95 -5.97
C TRP B 37 -21.38 35.41 -6.18
N ALA B 38 -22.27 35.25 -5.21
CA ALA B 38 -23.64 35.71 -5.37
C ALA B 38 -23.76 37.22 -5.21
N PRO B 39 -23.21 37.84 -4.15
CA PRO B 39 -23.27 39.31 -4.08
C PRO B 39 -22.46 40.01 -5.15
N HIS B 40 -21.44 39.36 -5.70
CA HIS B 40 -20.61 39.94 -6.74
C HIS B 40 -21.09 39.59 -8.15
N TYR B 41 -22.37 39.23 -8.30
CA TYR B 41 -22.87 38.75 -9.57
C TYR B 41 -23.09 39.92 -10.52
N ASN B 42 -22.38 39.91 -11.65
CA ASN B 42 -22.59 40.91 -12.68
C ASN B 42 -23.84 40.57 -13.49
N LEU B 43 -24.67 41.58 -13.73
CA LEU B 43 -25.90 41.38 -14.50
C LEU B 43 -25.76 41.72 -15.97
N LYS B 44 -24.81 42.58 -16.33
CA LYS B 44 -24.64 42.97 -17.73
C LYS B 44 -23.97 41.86 -18.54
N GLU B 45 -23.04 41.13 -17.92
CA GLU B 45 -22.28 40.12 -18.66
C GLU B 45 -22.84 38.73 -18.47
N ASN B 46 -23.00 38.29 -17.22
CA ASN B 46 -23.34 36.90 -16.91
C ASN B 46 -24.84 36.68 -16.82
N LEU B 47 -25.58 37.09 -17.84
CA LEU B 47 -27.01 36.78 -17.85
C LEU B 47 -27.46 36.12 -19.14
N LEU B 48 -26.94 36.55 -20.30
CA LEU B 48 -27.32 35.89 -21.55
C LEU B 48 -26.55 34.59 -21.78
N PRO B 49 -25.22 34.56 -21.73
CA PRO B 49 -24.53 33.27 -21.87
C PRO B 49 -24.91 32.27 -20.80
N ASP B 50 -25.18 32.75 -19.57
CA ASP B 50 -25.65 31.85 -18.53
C ASP B 50 -26.98 31.20 -18.92
N THR B 51 -27.91 31.99 -19.47
CA THR B 51 -29.20 31.43 -19.88
C THR B 51 -29.04 30.43 -21.02
N VAL B 52 -28.21 30.76 -22.02
CA VAL B 52 -28.02 29.84 -23.14
C VAL B 52 -27.39 28.54 -22.66
N SER B 53 -26.36 28.65 -21.81
CA SER B 53 -25.74 27.46 -21.24
C SER B 53 -26.72 26.67 -20.41
N GLY B 54 -27.61 27.35 -19.70
CA GLY B 54 -28.64 26.68 -18.93
C GLY B 54 -29.56 25.86 -19.79
N ILE B 55 -30.01 26.41 -20.93
CA ILE B 55 -30.90 25.65 -21.82
C ILE B 55 -30.19 24.44 -22.38
N MET B 56 -28.97 24.63 -22.89
CA MET B 56 -28.22 23.51 -23.47
C MET B 56 -27.96 22.43 -22.43
N LEU B 57 -27.56 22.85 -21.22
CA LEU B 57 -27.29 21.90 -20.15
C LEU B 57 -28.56 21.20 -19.72
N ALA B 58 -29.71 21.89 -19.78
CA ALA B 58 -30.97 21.26 -19.44
C ALA B 58 -31.28 20.13 -20.40
N VAL B 59 -31.11 20.38 -21.70
CA VAL B 59 -31.33 19.32 -22.69
C VAL B 59 -30.38 18.16 -22.45
N GLN B 60 -29.11 18.48 -22.20
CA GLN B 60 -28.10 17.46 -21.96
C GLN B 60 -28.46 16.61 -20.74
N GLN B 61 -28.85 17.27 -19.65
CA GLN B 61 -29.17 16.56 -18.42
C GLN B 61 -30.40 15.67 -18.59
N VAL B 62 -31.42 16.17 -19.29
CA VAL B 62 -32.61 15.36 -19.52
C VAL B 62 -32.23 14.09 -20.27
N THR B 63 -31.48 14.25 -21.37
CA THR B 63 -31.12 13.09 -22.18
C THR B 63 -30.25 12.11 -21.39
N GLN B 64 -29.24 12.62 -20.70
CA GLN B 64 -28.30 11.77 -19.97
C GLN B 64 -28.99 11.06 -18.82
N GLY B 65 -29.89 11.75 -18.12
CA GLY B 65 -30.62 11.11 -17.04
C GLY B 65 -31.53 10.00 -17.54
N LEU B 66 -32.28 10.27 -18.61
CA LEU B 66 -33.14 9.24 -19.17
C LEU B 66 -32.34 8.04 -19.64
N ALA B 67 -31.16 8.27 -20.19
CA ALA B 67 -30.35 7.16 -20.70
C ALA B 67 -29.56 6.43 -19.64
N PHE B 68 -29.23 7.07 -18.51
CA PHE B 68 -28.41 6.45 -17.49
C PHE B 68 -29.22 5.89 -16.33
N ALA B 69 -30.48 6.29 -16.18
CA ALA B 69 -31.33 5.59 -15.22
C ALA B 69 -31.62 4.17 -15.67
N VAL B 70 -31.81 3.96 -16.97
CA VAL B 70 -32.01 2.63 -17.50
C VAL B 70 -30.73 1.80 -17.36
N LEU B 71 -29.58 2.43 -17.55
CA LEU B 71 -28.31 1.72 -17.44
C LEU B 71 -28.10 1.15 -16.05
N SER B 72 -28.70 1.76 -15.03
CA SER B 72 -28.60 1.27 -13.67
C SER B 72 -29.72 0.29 -13.31
N SER B 73 -30.42 -0.25 -14.31
CA SER B 73 -31.55 -1.16 -14.11
C SER B 73 -32.59 -0.55 -13.18
N VAL B 74 -32.95 0.70 -13.47
CA VAL B 74 -33.91 1.47 -12.69
C VAL B 74 -34.82 2.20 -13.67
N HIS B 75 -36.07 2.41 -13.25
CA HIS B 75 -37.04 3.07 -14.12
C HIS B 75 -36.51 4.44 -14.53
N PRO B 76 -36.66 4.83 -15.81
CA PRO B 76 -36.04 6.06 -16.29
C PRO B 76 -36.56 7.34 -15.67
N VAL B 77 -37.71 7.31 -14.99
CA VAL B 77 -38.27 8.54 -14.41
C VAL B 77 -37.37 9.11 -13.32
N PHE B 78 -36.62 8.26 -12.60
CA PHE B 78 -35.78 8.74 -11.51
C PHE B 78 -34.52 9.45 -11.99
N GLY B 79 -34.15 9.27 -13.26
CA GLY B 79 -33.03 10.03 -13.80
C GLY B 79 -33.26 11.52 -13.80
N LEU B 80 -34.50 11.94 -14.03
CA LEU B 80 -34.82 13.37 -13.97
C LEU B 80 -34.60 13.92 -12.56
N TYR B 81 -35.03 13.18 -11.53
CA TYR B 81 -34.80 13.62 -10.17
C TYR B 81 -33.31 13.64 -9.86
N GLY B 82 -32.57 12.62 -10.32
CA GLY B 82 -31.14 12.58 -10.10
C GLY B 82 -30.37 13.66 -10.81
N SER B 83 -30.92 14.20 -11.91
CA SER B 83 -30.32 15.33 -12.59
C SER B 83 -30.79 16.67 -12.06
N LEU B 84 -31.91 16.70 -11.33
CA LEU B 84 -32.44 17.95 -10.82
C LEU B 84 -31.98 18.28 -9.41
N PHE B 85 -32.04 17.31 -8.49
CA PHE B 85 -31.88 17.62 -7.08
C PHE B 85 -30.45 17.93 -6.66
N PRO B 86 -29.46 17.07 -6.92
CA PRO B 86 -28.11 17.34 -6.41
C PRO B 86 -27.46 18.59 -6.99
N ALA B 87 -27.96 19.09 -8.12
CA ALA B 87 -27.35 20.27 -8.73
C ALA B 87 -27.48 21.48 -7.82
N ILE B 88 -28.65 21.65 -7.18
CA ILE B 88 -28.85 22.78 -6.27
C ILE B 88 -27.90 22.69 -5.08
N ILE B 89 -27.76 21.49 -4.51
CA ILE B 89 -26.88 21.31 -3.37
C ILE B 89 -25.44 21.61 -3.74
N TYR B 90 -25.01 21.15 -4.92
CA TYR B 90 -23.66 21.44 -5.37
C TYR B 90 -23.47 22.93 -5.61
N ALA B 91 -24.48 23.60 -6.17
CA ALA B 91 -24.40 25.02 -6.41
C ALA B 91 -24.22 25.76 -5.09
N ILE B 92 -24.91 25.30 -4.04
CA ILE B 92 -24.78 25.94 -2.74
C ILE B 92 -23.40 25.66 -2.13
N PHE B 93 -22.92 24.41 -2.19
CA PHE B 93 -21.75 24.00 -1.44
C PHE B 93 -20.51 23.74 -2.31
N GLY B 94 -20.58 24.03 -3.61
CA GLY B 94 -19.50 23.70 -4.52
C GLY B 94 -18.59 24.86 -4.83
N MET B 95 -17.35 24.53 -5.20
CA MET B 95 -16.35 25.54 -5.54
C MET B 95 -16.11 25.66 -7.04
N GLY B 96 -16.31 24.59 -7.81
CA GLY B 96 -16.10 24.67 -9.24
C GLY B 96 -17.15 25.52 -9.92
N HIS B 97 -16.75 26.17 -11.01
CA HIS B 97 -17.67 27.04 -11.74
C HIS B 97 -18.34 26.30 -12.90
N HIS B 98 -17.56 25.55 -13.68
CA HIS B 98 -18.08 24.83 -14.83
C HIS B 98 -18.31 23.35 -14.55
N VAL B 99 -18.71 23.01 -13.33
CA VAL B 99 -18.99 21.65 -12.94
C VAL B 99 -20.49 21.49 -12.81
N ALA B 100 -21.06 20.57 -13.59
CA ALA B 100 -22.50 20.30 -13.60
C ALA B 100 -22.72 18.88 -13.11
N THR B 101 -23.26 18.75 -11.91
CA THR B 101 -23.51 17.43 -11.33
C THR B 101 -24.72 16.77 -12.00
N GLY B 102 -24.61 15.47 -12.23
CA GLY B 102 -25.66 14.74 -12.93
C GLY B 102 -25.73 13.27 -12.58
N THR B 103 -25.90 12.42 -13.58
CA THR B 103 -26.04 10.98 -13.37
C THR B 103 -24.73 10.22 -13.43
N PHE B 104 -23.85 10.56 -14.38
CA PHE B 104 -22.50 9.99 -14.42
C PHE B 104 -22.50 8.47 -14.52
N ALA B 105 -22.84 7.94 -15.70
CA ALA B 105 -22.99 6.50 -15.96
C ALA B 105 -21.91 5.63 -15.31
N LEU B 106 -20.72 6.18 -15.08
CA LEU B 106 -19.69 5.43 -14.36
C LEU B 106 -20.21 4.90 -13.03
N THR B 107 -20.93 5.73 -12.28
CA THR B 107 -21.51 5.27 -11.01
C THR B 107 -22.73 4.40 -11.23
N SER B 108 -23.46 4.61 -12.32
CA SER B 108 -24.61 3.76 -12.63
C SER B 108 -24.19 2.32 -12.87
N LEU B 109 -23.06 2.12 -13.56
CA LEU B 109 -22.56 0.78 -13.81
C LEU B 109 -22.19 0.07 -12.51
N ILE B 110 -21.77 0.84 -11.50
CA ILE B 110 -21.44 0.23 -10.21
C ILE B 110 -22.70 -0.07 -9.41
N SER B 111 -23.65 0.86 -9.39
CA SER B 111 -24.89 0.63 -8.65
C SER B 111 -25.74 -0.48 -9.26
N ALA B 112 -25.62 -0.71 -10.57
CA ALA B 112 -26.41 -1.76 -11.21
C ALA B 112 -26.06 -3.13 -10.66
N ASN B 113 -24.81 -3.34 -10.27
CA ASN B 113 -24.42 -4.63 -9.68
C ASN B 113 -25.22 -4.90 -8.43
N ALA B 114 -25.26 -3.95 -7.50
CA ALA B 114 -26.04 -4.13 -6.27
C ALA B 114 -27.53 -4.27 -6.58
N VAL B 115 -28.04 -3.47 -7.52
CA VAL B 115 -29.46 -3.52 -7.82
C VAL B 115 -29.85 -4.88 -8.37
N GLU B 116 -29.06 -5.42 -9.29
CA GLU B 116 -29.35 -6.72 -9.89
C GLU B 116 -29.02 -7.88 -8.97
N ARG B 117 -28.15 -7.69 -7.99
CA ARG B 117 -27.85 -8.76 -7.05
C ARG B 117 -28.88 -8.88 -5.94
N ILE B 118 -29.27 -7.75 -5.33
CA ILE B 118 -30.25 -7.79 -4.25
C ILE B 118 -31.62 -8.19 -4.80
N VAL B 119 -32.03 -7.57 -5.90
CA VAL B 119 -33.33 -7.85 -6.51
C VAL B 119 -33.11 -8.27 -7.96
N PRO B 120 -32.89 -9.55 -8.23
CA PRO B 120 -32.71 -10.01 -9.61
C PRO B 120 -34.04 -9.98 -10.37
N GLN B 121 -33.98 -10.46 -11.61
CA GLN B 121 -35.12 -10.36 -12.51
C GLN B 121 -36.24 -11.34 -12.16
N ASN B 122 -35.92 -12.43 -11.47
CA ASN B 122 -36.87 -13.53 -11.30
C ASN B 122 -38.12 -13.14 -10.52
N MET B 123 -38.05 -12.14 -9.64
CA MET B 123 -39.25 -11.69 -8.92
C MET B 123 -40.00 -10.59 -9.64
N GLN B 124 -39.94 -10.53 -10.97
CA GLN B 124 -40.69 -9.55 -11.74
C GLN B 124 -42.20 -9.65 -11.49
N SER B 133 -45.65 1.40 -3.99
CA SER B 133 -46.14 2.33 -4.99
C SER B 133 -46.30 3.73 -4.40
N VAL B 134 -45.63 4.70 -5.00
CA VAL B 134 -45.72 6.08 -4.54
C VAL B 134 -46.03 6.97 -5.74
N LEU B 135 -45.79 6.46 -6.95
CA LEU B 135 -45.98 7.23 -8.17
C LEU B 135 -46.80 6.44 -9.18
N GLY B 136 -47.50 5.40 -8.74
CA GLY B 136 -48.25 4.54 -9.63
C GLY B 136 -47.43 3.45 -10.27
N LEU B 137 -46.11 3.43 -10.05
CA LEU B 137 -45.28 2.37 -10.60
C LEU B 137 -45.60 1.04 -9.96
N SER B 138 -45.50 -0.02 -10.76
CA SER B 138 -45.76 -1.36 -10.25
C SER B 138 -44.67 -1.77 -9.27
N ASP B 139 -44.93 -2.85 -8.54
CA ASP B 139 -43.95 -3.36 -7.61
C ASP B 139 -42.76 -3.96 -8.35
N PHE B 140 -41.72 -4.29 -7.58
CA PHE B 140 -40.43 -4.79 -8.08
C PHE B 140 -39.65 -3.64 -8.73
N GLU B 141 -40.31 -2.50 -8.91
CA GLU B 141 -39.63 -1.28 -9.29
C GLU B 141 -39.25 -0.43 -8.09
N MET B 142 -39.97 -0.57 -6.98
CA MET B 142 -39.59 0.11 -5.74
C MET B 142 -38.42 -0.60 -5.07
N GLN B 143 -38.36 -1.93 -5.17
CA GLN B 143 -37.29 -2.69 -4.55
C GLN B 143 -35.93 -2.40 -5.18
N ARG B 144 -35.90 -1.87 -6.39
CA ARG B 144 -34.64 -1.51 -7.04
C ARG B 144 -34.24 -0.07 -6.76
N ILE B 145 -35.19 0.86 -6.83
CA ILE B 145 -34.90 2.24 -6.49
C ILE B 145 -34.54 2.38 -5.02
N HIS B 146 -35.09 1.52 -4.15
CA HIS B 146 -34.69 1.55 -2.75
C HIS B 146 -33.22 1.17 -2.59
N VAL B 147 -32.77 0.15 -3.31
CA VAL B 147 -31.36 -0.25 -3.25
C VAL B 147 -30.48 0.86 -3.80
N ALA B 148 -30.89 1.48 -4.91
CA ALA B 148 -30.09 2.57 -5.47
C ALA B 148 -30.01 3.74 -4.51
N ALA B 149 -31.13 4.09 -3.87
CA ALA B 149 -31.12 5.18 -2.90
C ALA B 149 -30.25 4.87 -1.70
N ALA B 150 -30.29 3.62 -1.23
CA ALA B 150 -29.41 3.22 -0.13
C ALA B 150 -27.94 3.32 -0.52
N VAL B 151 -27.61 2.91 -1.74
CA VAL B 151 -26.23 3.01 -2.21
C VAL B 151 -25.79 4.47 -2.24
N SER B 152 -26.64 5.34 -2.79
CA SER B 152 -26.29 6.76 -2.86
C SER B 152 -26.15 7.37 -1.47
N PHE B 153 -27.04 7.01 -0.54
CA PHE B 153 -26.94 7.53 0.82
C PHE B 153 -25.66 7.09 1.50
N LEU B 154 -25.29 5.81 1.35
CA LEU B 154 -24.06 5.34 1.96
C LEU B 154 -22.85 6.00 1.33
N GLY B 155 -22.85 6.21 0.01
CA GLY B 155 -21.75 6.92 -0.61
C GLY B 155 -21.62 8.35 -0.11
N GLY B 156 -22.74 9.04 0.03
CA GLY B 156 -22.70 10.40 0.57
C GLY B 156 -22.20 10.43 2.00
N VAL B 157 -22.65 9.48 2.82
CA VAL B 157 -22.19 9.41 4.20
C VAL B 157 -20.68 9.17 4.25
N ILE B 158 -20.18 8.27 3.40
CA ILE B 158 -18.74 8.02 3.35
C ILE B 158 -17.98 9.27 2.92
N GLN B 159 -18.49 9.98 1.92
CA GLN B 159 -17.81 11.19 1.46
C GLN B 159 -17.75 12.25 2.56
N VAL B 160 -18.86 12.44 3.28
CA VAL B 160 -18.83 13.38 4.39
C VAL B 160 -17.89 12.91 5.50
N ALA B 161 -17.84 11.60 5.77
CA ALA B 161 -16.96 11.07 6.79
C ALA B 161 -15.50 11.31 6.48
N MET B 162 -15.08 11.11 5.23
CA MET B 162 -13.70 11.46 4.89
C MET B 162 -13.54 12.96 4.64
N PHE B 163 -14.63 13.72 4.59
CA PHE B 163 -14.49 15.17 4.65
C PHE B 163 -14.15 15.65 6.06
N VAL B 164 -14.76 15.06 7.09
CA VAL B 164 -14.50 15.52 8.46
C VAL B 164 -13.08 15.20 8.91
N LEU B 165 -12.42 14.25 8.26
CA LEU B 165 -10.99 14.05 8.42
C LEU B 165 -10.27 15.08 7.54
N GLN B 166 -8.97 14.92 7.34
CA GLN B 166 -8.24 15.80 6.43
C GLN B 166 -7.94 15.09 5.12
N LEU B 167 -8.66 14.03 4.82
CA LEU B 167 -8.59 13.41 3.50
C LEU B 167 -9.04 14.40 2.45
N GLY B 168 -8.31 14.44 1.34
CA GLY B 168 -8.45 15.49 0.34
C GLY B 168 -7.23 16.38 0.25
N SER B 169 -6.56 16.61 1.38
CA SER B 169 -5.22 17.17 1.37
C SER B 169 -4.20 16.18 0.83
N ALA B 170 -4.51 14.90 0.84
CA ALA B 170 -3.68 13.87 0.22
C ALA B 170 -4.47 13.31 -0.97
N THR B 171 -4.36 14.00 -2.11
CA THR B 171 -4.98 13.58 -3.35
C THR B 171 -3.98 13.59 -4.49
N PHE B 172 -2.71 13.83 -4.17
CA PHE B 172 -1.64 13.77 -5.16
C PHE B 172 -1.32 12.35 -5.57
N VAL B 173 -1.83 11.35 -4.85
CA VAL B 173 -1.57 9.94 -5.14
C VAL B 173 -2.15 9.59 -6.50
N VAL B 174 -3.35 10.07 -6.79
CA VAL B 174 -3.96 9.87 -8.10
C VAL B 174 -3.29 10.81 -9.10
N THR B 175 -2.91 10.29 -10.25
CA THR B 175 -2.17 11.07 -11.24
C THR B 175 -2.97 11.15 -12.54
N GLU B 176 -2.59 12.12 -13.37
CA GLU B 176 -3.28 12.39 -14.63
C GLU B 176 -3.36 11.17 -15.54
N PRO B 177 -2.27 10.42 -15.77
CA PRO B 177 -2.40 9.21 -16.60
C PRO B 177 -3.35 8.18 -16.03
N VAL B 178 -3.38 8.01 -14.71
CA VAL B 178 -4.28 7.03 -14.10
C VAL B 178 -5.73 7.42 -14.33
N ILE B 179 -6.07 8.68 -14.09
CA ILE B 179 -7.43 9.14 -14.29
C ILE B 179 -7.82 9.05 -15.76
N SER B 180 -6.89 9.43 -16.65
CA SER B 180 -7.18 9.35 -18.08
C SER B 180 -7.46 7.92 -18.51
N ALA B 181 -6.63 6.97 -18.07
CA ALA B 181 -6.83 5.58 -18.44
C ALA B 181 -8.13 5.03 -17.87
N MET B 182 -8.43 5.35 -16.61
CA MET B 182 -9.67 4.86 -16.01
C MET B 182 -10.89 5.42 -16.73
N THR B 183 -10.87 6.72 -17.07
CA THR B 183 -12.00 7.31 -17.78
C THR B 183 -12.15 6.74 -19.18
N THR B 184 -11.04 6.50 -19.89
CA THR B 184 -11.15 5.91 -21.21
C THR B 184 -11.69 4.48 -21.15
N GLY B 185 -11.23 3.69 -20.19
CA GLY B 185 -11.77 2.35 -20.02
C GLY B 185 -13.24 2.35 -19.67
N ALA B 186 -13.66 3.25 -18.79
CA ALA B 186 -15.07 3.35 -18.44
C ALA B 186 -15.90 3.81 -19.63
N ALA B 187 -15.38 4.72 -20.45
CA ALA B 187 -16.09 5.13 -21.65
C ALA B 187 -16.25 3.97 -22.62
N THR B 188 -15.22 3.15 -22.79
CA THR B 188 -15.36 1.96 -23.63
C THR B 188 -16.39 1.00 -23.05
N HIS B 189 -16.39 0.83 -21.72
CA HIS B 189 -17.40 -0.03 -21.08
C HIS B 189 -18.81 0.49 -21.33
N VAL B 190 -19.01 1.80 -21.25
CA VAL B 190 -20.33 2.36 -21.52
C VAL B 190 -20.70 2.20 -22.98
N VAL B 191 -19.73 2.35 -23.89
CA VAL B 191 -20.01 2.18 -25.31
C VAL B 191 -20.45 0.75 -25.60
N THR B 192 -19.77 -0.25 -25.01
CA THR B 192 -20.14 -1.63 -25.24
C THR B 192 -21.44 -2.02 -24.53
N SER B 193 -21.95 -1.17 -23.64
CA SER B 193 -23.20 -1.43 -22.94
C SER B 193 -24.40 -0.83 -23.65
N GLN B 194 -24.20 -0.21 -24.81
CA GLN B 194 -25.28 0.38 -25.58
C GLN B 194 -25.50 -0.32 -26.92
N VAL B 195 -24.72 -1.34 -27.25
CA VAL B 195 -24.90 -2.05 -28.51
C VAL B 195 -26.21 -2.84 -28.53
N LYS B 196 -26.71 -3.27 -27.38
CA LYS B 196 -27.97 -4.00 -27.34
C LYS B 196 -29.16 -3.14 -27.70
N TYR B 197 -28.99 -1.82 -27.73
CA TYR B 197 -30.05 -0.91 -28.18
C TYR B 197 -29.89 -0.49 -29.62
N LEU B 198 -28.66 -0.28 -30.09
CA LEU B 198 -28.44 0.04 -31.50
C LEU B 198 -28.84 -1.13 -32.39
N LEU B 199 -28.49 -2.35 -32.00
CA LEU B 199 -28.85 -3.52 -32.79
C LEU B 199 -30.31 -3.89 -32.64
N GLY B 200 -30.90 -3.65 -31.47
CA GLY B 200 -32.30 -3.95 -31.24
C GLY B 200 -32.57 -5.28 -30.55
N MET B 201 -31.54 -6.07 -30.28
CA MET B 201 -31.72 -7.36 -29.63
C MET B 201 -31.93 -7.17 -28.14
N LYS B 202 -32.18 -8.27 -27.44
CA LYS B 202 -32.36 -8.29 -26.00
C LYS B 202 -31.31 -9.18 -25.37
N MET B 203 -30.72 -8.71 -24.28
CA MET B 203 -29.64 -9.42 -23.61
C MET B 203 -29.91 -9.51 -22.12
N PRO B 204 -29.48 -10.59 -21.48
CA PRO B 204 -29.55 -10.68 -20.02
C PRO B 204 -28.45 -9.86 -19.39
N TYR B 205 -28.58 -9.64 -18.08
CA TYR B 205 -27.61 -8.86 -17.33
C TYR B 205 -26.32 -9.67 -17.19
N ILE B 206 -25.30 -9.29 -17.95
CA ILE B 206 -24.00 -9.96 -17.92
C ILE B 206 -23.01 -9.01 -17.27
N SER B 207 -22.39 -9.47 -16.17
CA SER B 207 -21.41 -8.67 -15.47
C SER B 207 -20.47 -9.60 -14.71
N GLY B 208 -19.25 -9.12 -14.48
CA GLY B 208 -18.26 -9.90 -13.78
C GLY B 208 -16.85 -9.46 -14.11
N PRO B 209 -15.87 -10.32 -13.82
CA PRO B 209 -14.46 -9.97 -14.09
C PRO B 209 -14.10 -10.00 -15.57
N LEU B 210 -14.95 -10.55 -16.44
CA LEU B 210 -14.65 -10.59 -17.87
C LEU B 210 -15.90 -10.34 -18.71
N GLY B 211 -16.83 -9.53 -18.21
CA GLY B 211 -18.09 -9.32 -18.90
C GLY B 211 -17.97 -8.62 -20.23
N PHE B 212 -16.89 -7.85 -20.43
CA PHE B 212 -16.73 -7.11 -21.68
C PHE B 212 -16.66 -8.05 -22.88
N PHE B 213 -15.94 -9.16 -22.76
CA PHE B 213 -15.85 -10.13 -23.83
C PHE B 213 -17.08 -11.03 -23.90
N TYR B 214 -17.70 -11.33 -22.75
CA TYR B 214 -18.90 -12.16 -22.75
C TYR B 214 -20.05 -11.45 -23.46
N ILE B 215 -20.15 -10.13 -23.33
CA ILE B 215 -21.21 -9.40 -24.02
C ILE B 215 -21.06 -9.55 -25.53
N TYR B 216 -19.85 -9.40 -26.04
CA TYR B 216 -19.63 -9.56 -27.49
C TYR B 216 -19.82 -11.01 -27.92
N ALA B 217 -19.43 -11.97 -27.08
CA ALA B 217 -19.67 -13.37 -27.41
C ALA B 217 -21.16 -13.67 -27.54
N TYR B 218 -21.96 -13.13 -26.61
CA TYR B 218 -23.41 -13.29 -26.72
C TYR B 218 -23.96 -12.58 -27.95
N VAL B 219 -23.43 -11.40 -28.27
CA VAL B 219 -23.91 -10.66 -29.44
C VAL B 219 -23.64 -11.47 -30.71
N PHE B 220 -22.44 -12.02 -30.83
CA PHE B 220 -22.08 -12.79 -32.03
C PHE B 220 -22.74 -14.16 -32.07
N GLU B 221 -23.11 -14.73 -30.92
CA GLU B 221 -23.80 -16.00 -30.91
C GLU B 221 -25.24 -15.88 -31.40
N ASN B 222 -25.86 -14.73 -31.18
CA ASN B 222 -27.25 -14.48 -31.57
C ASN B 222 -27.33 -13.43 -32.66
N ILE B 223 -26.43 -13.51 -33.65
CA ILE B 223 -26.36 -12.50 -34.69
C ILE B 223 -27.55 -12.53 -35.65
N LYS B 224 -28.36 -13.58 -35.61
CA LYS B 224 -29.52 -13.70 -36.49
C LYS B 224 -30.75 -12.98 -35.94
N SER B 225 -30.69 -12.43 -34.73
CA SER B 225 -31.81 -11.73 -34.12
C SER B 225 -31.66 -10.21 -34.23
N VAL B 226 -30.69 -9.73 -34.99
CA VAL B 226 -30.46 -8.29 -35.12
C VAL B 226 -31.51 -7.71 -36.05
N ARG B 227 -32.21 -6.69 -35.56
CA ARG B 227 -33.21 -6.00 -36.38
C ARG B 227 -32.54 -5.00 -37.30
N LEU B 228 -32.94 -5.02 -38.57
CA LEU B 228 -32.34 -4.13 -39.56
C LEU B 228 -32.84 -2.69 -39.42
N GLU B 229 -34.11 -2.50 -39.05
CA GLU B 229 -34.66 -1.16 -38.96
C GLU B 229 -33.97 -0.35 -37.88
N ALA B 230 -33.80 -0.94 -36.70
CA ALA B 230 -33.13 -0.24 -35.61
C ALA B 230 -31.68 0.07 -35.96
N LEU B 231 -30.99 -0.89 -36.61
CA LEU B 231 -29.61 -0.66 -37.00
C LEU B 231 -29.49 0.48 -38.00
N LEU B 232 -30.38 0.50 -39.00
CA LEU B 232 -30.33 1.58 -40.00
C LEU B 232 -30.64 2.92 -39.36
N LEU B 233 -31.64 2.98 -38.48
CA LEU B 233 -31.97 4.24 -37.81
C LEU B 233 -30.81 4.73 -36.95
N SER B 234 -30.18 3.82 -36.20
CA SER B 234 -29.04 4.19 -35.37
C SER B 234 -27.88 4.68 -36.22
N LEU B 235 -27.59 4.01 -37.33
CA LEU B 235 -26.50 4.44 -38.20
C LEU B 235 -26.77 5.83 -38.78
N LEU B 236 -27.99 6.06 -39.25
CA LEU B 236 -28.32 7.37 -39.82
C LEU B 236 -28.21 8.46 -38.77
N SER B 237 -28.73 8.20 -37.56
CA SER B 237 -28.66 9.20 -36.50
C SER B 237 -27.21 9.48 -36.09
N ILE B 238 -26.39 8.43 -35.98
CA ILE B 238 -24.98 8.63 -35.62
C ILE B 238 -24.27 9.46 -36.68
N VAL B 239 -24.49 9.14 -37.96
CA VAL B 239 -23.84 9.87 -39.03
C VAL B 239 -24.26 11.35 -39.00
N VAL B 240 -25.57 11.60 -38.85
CA VAL B 240 -26.05 12.97 -38.84
C VAL B 240 -25.46 13.74 -37.65
N LEU B 241 -25.48 13.12 -36.47
CA LEU B 241 -24.96 13.79 -35.28
C LEU B 241 -23.48 14.11 -35.43
N VAL B 242 -22.70 13.15 -35.90
CA VAL B 242 -21.26 13.37 -36.04
C VAL B 242 -20.99 14.46 -37.06
N LEU B 243 -21.66 14.42 -38.21
CA LEU B 243 -21.44 15.42 -39.24
C LEU B 243 -21.80 16.82 -38.74
N VAL B 244 -22.95 16.96 -38.08
CA VAL B 244 -23.35 18.28 -37.60
C VAL B 244 -22.39 18.78 -36.54
N LYS B 245 -22.02 17.92 -35.58
CA LYS B 245 -21.14 18.36 -34.50
C LYS B 245 -19.74 18.64 -34.97
N GLU B 246 -19.30 18.06 -36.08
CA GLU B 246 -17.99 18.38 -36.63
C GLU B 246 -18.02 19.63 -37.48
N LEU B 247 -19.05 19.80 -38.32
CA LEU B 247 -19.16 20.99 -39.15
C LEU B 247 -19.45 22.24 -38.33
N ASN B 248 -20.10 22.11 -37.18
CA ASN B 248 -20.32 23.28 -36.33
C ASN B 248 -19.02 23.74 -35.67
N GLU B 249 -18.18 22.79 -35.25
CA GLU B 249 -16.93 23.15 -34.60
C GLU B 249 -15.89 23.63 -35.61
N GLN B 250 -15.88 23.07 -36.82
CA GLN B 250 -14.87 23.45 -37.80
C GLN B 250 -15.05 24.90 -38.25
N PHE B 251 -16.29 25.36 -38.39
CA PHE B 251 -16.59 26.71 -38.87
C PHE B 251 -17.25 27.56 -37.79
N LYS B 252 -16.75 27.45 -36.56
CA LYS B 252 -17.32 28.21 -35.45
C LYS B 252 -17.12 29.71 -35.60
N ARG B 253 -16.13 30.14 -36.39
CA ARG B 253 -15.90 31.57 -36.56
C ARG B 253 -16.96 32.25 -37.40
N LYS B 254 -17.57 31.52 -38.34
CA LYS B 254 -18.61 32.10 -39.18
C LYS B 254 -19.98 32.11 -38.49
N ILE B 255 -20.29 31.05 -37.74
CA ILE B 255 -21.53 30.97 -36.96
C ILE B 255 -21.13 30.92 -35.49
N LYS B 256 -21.40 32.01 -34.77
CA LYS B 256 -20.98 32.14 -33.38
C LYS B 256 -22.05 31.64 -32.41
N VAL B 257 -22.53 30.41 -32.65
CA VAL B 257 -23.53 29.76 -31.81
C VAL B 257 -23.24 28.27 -31.78
N VAL B 258 -24.00 27.55 -30.96
CA VAL B 258 -23.92 26.09 -30.87
C VAL B 258 -25.25 25.53 -31.37
N LEU B 259 -25.19 24.71 -32.41
CA LEU B 259 -26.40 24.19 -33.02
C LEU B 259 -27.02 23.12 -32.13
N PRO B 260 -28.28 23.26 -31.72
CA PRO B 260 -28.94 22.23 -30.88
C PRO B 260 -29.44 21.05 -31.70
N VAL B 261 -28.49 20.26 -32.22
CA VAL B 261 -28.83 19.12 -33.06
C VAL B 261 -29.53 18.02 -32.28
N ASP B 262 -29.19 17.83 -31.00
CA ASP B 262 -29.82 16.76 -30.21
C ASP B 262 -31.31 16.98 -30.08
N LEU B 263 -31.73 18.21 -29.76
CA LEU B 263 -33.15 18.49 -29.60
C LEU B 263 -33.91 18.31 -30.90
N VAL B 264 -33.36 18.78 -32.01
CA VAL B 264 -34.02 18.63 -33.31
C VAL B 264 -34.14 17.15 -33.67
N LEU B 265 -33.07 16.38 -33.44
CA LEU B 265 -33.12 14.95 -33.73
C LEU B 265 -34.15 14.25 -32.88
N ILE B 266 -34.22 14.59 -31.59
CA ILE B 266 -35.20 13.97 -30.69
C ILE B 266 -36.61 14.28 -31.15
N ILE B 267 -36.89 15.55 -31.48
CA ILE B 267 -38.23 15.93 -31.90
C ILE B 267 -38.60 15.23 -33.21
N ALA B 268 -37.68 15.20 -34.17
CA ALA B 268 -37.96 14.55 -35.45
C ALA B 268 -38.22 13.06 -35.26
N ALA B 269 -37.40 12.39 -34.46
CA ALA B 269 -37.58 10.96 -34.25
C ALA B 269 -38.90 10.67 -33.54
N SER B 270 -39.24 11.46 -32.52
CA SER B 270 -40.49 11.26 -31.82
C SER B 270 -41.69 11.48 -32.73
N PHE B 271 -41.65 12.54 -33.55
CA PHE B 271 -42.76 12.78 -34.47
C PHE B 271 -42.87 11.69 -35.52
N ALA B 272 -41.74 11.20 -36.04
CA ALA B 272 -41.79 10.12 -37.01
C ALA B 272 -42.35 8.85 -36.39
N CYS B 273 -41.97 8.55 -35.14
CA CYS B 273 -42.51 7.37 -34.46
C CYS B 273 -44.00 7.50 -34.20
N TYR B 274 -44.46 8.69 -33.80
CA TYR B 274 -45.88 8.85 -33.49
C TYR B 274 -46.75 8.88 -34.75
N CYS B 275 -46.32 9.61 -35.77
CA CYS B 275 -47.09 9.74 -37.01
C CYS B 275 -47.29 8.41 -37.72
N THR B 276 -46.39 7.46 -37.53
CA THR B 276 -46.52 6.12 -38.07
C THR B 276 -46.87 5.18 -36.93
N ASN B 277 -46.95 3.88 -37.23
CA ASN B 277 -47.18 2.89 -36.20
C ASN B 277 -45.88 2.13 -35.97
N MET B 278 -44.76 2.87 -35.99
CA MET B 278 -43.43 2.29 -35.90
C MET B 278 -43.20 1.52 -34.60
N GLU B 279 -44.03 1.75 -33.58
CA GLU B 279 -43.95 0.93 -32.38
C GLU B 279 -44.43 -0.50 -32.64
N ASN B 280 -45.48 -0.65 -33.45
CA ASN B 280 -46.10 -1.95 -33.67
C ASN B 280 -45.65 -2.62 -34.97
N THR B 281 -45.56 -1.87 -36.07
CA THR B 281 -45.16 -2.47 -37.34
C THR B 281 -43.74 -3.03 -37.26
N TYR B 282 -42.83 -2.29 -36.63
CA TYR B 282 -41.47 -2.75 -36.40
C TYR B 282 -41.22 -2.86 -34.91
N GLY B 283 -40.65 -3.99 -34.49
CA GLY B 283 -40.34 -4.16 -33.09
C GLY B 283 -39.27 -3.21 -32.60
N LEU B 284 -39.67 -2.20 -31.82
CA LEU B 284 -38.76 -1.18 -31.34
C LEU B 284 -39.05 -0.89 -29.88
N GLU B 285 -38.00 -0.56 -29.14
CA GLU B 285 -38.12 -0.21 -27.73
C GLU B 285 -38.21 1.29 -27.57
N VAL B 286 -39.17 1.75 -26.78
CA VAL B 286 -39.40 3.17 -26.55
C VAL B 286 -39.49 3.41 -25.04
N VAL B 287 -39.32 4.67 -24.65
CA VAL B 287 -39.39 5.04 -23.24
C VAL B 287 -40.84 4.94 -22.78
N GLY B 288 -41.06 4.22 -21.69
CA GLY B 288 -42.40 3.78 -21.34
C GLY B 288 -43.40 4.81 -20.87
N HIS B 289 -43.24 5.31 -19.64
CA HIS B 289 -44.29 6.15 -19.05
C HIS B 289 -43.80 7.56 -18.74
N ILE B 290 -42.76 7.71 -17.93
CA ILE B 290 -42.33 9.00 -17.38
C ILE B 290 -43.53 9.74 -16.80
N PRO B 291 -44.09 9.29 -15.68
CA PRO B 291 -45.23 9.99 -15.09
C PRO B 291 -44.82 11.29 -14.41
N GLN B 292 -45.80 12.18 -14.26
CA GLN B 292 -45.59 13.41 -13.51
C GLN B 292 -45.41 13.08 -12.03
N GLY B 293 -44.29 13.51 -11.46
CA GLY B 293 -43.88 12.97 -10.17
C GLY B 293 -43.43 13.97 -9.12
N ILE B 294 -42.20 13.79 -8.65
CA ILE B 294 -41.67 14.44 -7.45
C ILE B 294 -42.60 14.13 -6.29
N PRO B 295 -42.62 12.90 -5.79
CA PRO B 295 -43.51 12.57 -4.67
C PRO B 295 -42.94 13.01 -3.34
N SER B 296 -43.61 12.67 -2.25
CA SER B 296 -43.12 13.04 -0.92
C SER B 296 -41.81 12.30 -0.63
N PRO B 297 -40.83 12.98 -0.03
CA PRO B 297 -39.56 12.32 0.27
C PRO B 297 -39.73 11.21 1.28
N ARG B 298 -38.91 10.16 1.15
CA ARG B 298 -38.95 9.02 2.04
C ARG B 298 -37.53 8.59 2.36
N ALA B 299 -37.34 8.09 3.58
CA ALA B 299 -36.02 7.67 4.02
C ALA B 299 -35.61 6.39 3.30
N PRO B 300 -34.30 6.21 3.08
CA PRO B 300 -33.82 4.97 2.45
C PRO B 300 -33.97 3.79 3.38
N PRO B 301 -33.95 2.56 2.84
CA PRO B 301 -34.09 1.38 3.71
C PRO B 301 -32.80 1.01 4.43
N MET B 302 -32.56 1.63 5.59
CA MET B 302 -31.32 1.44 6.34
C MET B 302 -31.03 0.00 6.71
N ASN B 303 -31.97 -0.93 6.51
CA ASN B 303 -31.75 -2.31 6.90
C ASN B 303 -30.88 -3.07 5.92
N ILE B 304 -30.59 -2.51 4.75
CA ILE B 304 -29.77 -3.20 3.75
C ILE B 304 -28.47 -2.44 3.52
N LEU B 305 -28.11 -1.58 4.47
CA LEU B 305 -26.88 -0.80 4.36
C LEU B 305 -25.62 -1.65 4.47
N SER B 306 -25.73 -2.90 4.92
CA SER B 306 -24.57 -3.76 5.09
C SER B 306 -24.23 -4.56 3.84
N ALA B 307 -25.15 -4.65 2.88
CA ALA B 307 -24.93 -5.44 1.67
C ALA B 307 -24.43 -4.61 0.49
N VAL B 308 -24.23 -3.31 0.68
CA VAL B 308 -23.85 -2.44 -0.43
C VAL B 308 -22.61 -1.63 -0.07
N ILE B 309 -21.75 -2.20 0.78
CA ILE B 309 -20.56 -1.48 1.23
C ILE B 309 -19.60 -1.26 0.08
N THR B 310 -19.31 -2.31 -0.70
CA THR B 310 -18.35 -2.20 -1.78
C THR B 310 -18.82 -1.23 -2.86
N GLU B 311 -20.10 -1.31 -3.23
CA GLU B 311 -20.64 -0.39 -4.22
C GLU B 311 -20.57 1.05 -3.73
N ALA B 312 -20.88 1.27 -2.45
CA ALA B 312 -20.82 2.61 -1.90
C ALA B 312 -19.40 3.16 -1.92
N PHE B 313 -18.43 2.34 -1.52
CA PHE B 313 -17.04 2.79 -1.55
C PHE B 313 -16.59 3.11 -2.97
N GLY B 314 -16.91 2.23 -3.93
CA GLY B 314 -16.52 2.48 -5.31
C GLY B 314 -17.14 3.75 -5.86
N VAL B 315 -18.43 3.97 -5.61
CA VAL B 315 -19.09 5.17 -6.09
C VAL B 315 -18.46 6.41 -5.47
N ALA B 316 -18.32 6.41 -4.14
CA ALA B 316 -17.79 7.57 -3.44
C ALA B 316 -16.36 7.89 -3.85
N LEU B 317 -15.59 6.90 -4.29
CA LEU B 317 -14.24 7.20 -4.74
C LEU B 317 -14.19 7.67 -6.19
N VAL B 318 -14.81 6.90 -7.10
CA VAL B 318 -14.68 7.23 -8.51
C VAL B 318 -15.41 8.52 -8.86
N GLY B 319 -16.61 8.75 -8.31
CA GLY B 319 -17.28 10.01 -8.59
C GLY B 319 -16.50 11.21 -8.10
N TYR B 320 -15.92 11.10 -6.90
CA TYR B 320 -15.14 12.22 -6.37
C TYR B 320 -13.91 12.48 -7.22
N VAL B 321 -13.16 11.45 -7.60
CA VAL B 321 -11.94 11.71 -8.37
C VAL B 321 -12.29 12.28 -9.74
N ALA B 322 -13.33 11.74 -10.39
CA ALA B 322 -13.72 12.24 -11.70
C ALA B 322 -14.22 13.67 -11.65
N SER B 323 -14.96 14.06 -10.60
CA SER B 323 -15.42 15.44 -10.48
C SER B 323 -14.28 16.38 -10.11
N LEU B 324 -13.35 15.93 -9.26
CA LEU B 324 -12.24 16.77 -8.85
C LEU B 324 -11.30 17.05 -10.02
N ALA B 325 -11.11 16.09 -10.92
CA ALA B 325 -10.28 16.35 -12.09
C ALA B 325 -10.86 17.50 -12.93
N LEU B 326 -12.17 17.47 -13.17
CA LEU B 326 -12.81 18.53 -13.94
C LEU B 326 -12.75 19.86 -13.20
N ALA B 327 -12.98 19.85 -11.89
CA ALA B 327 -12.92 21.09 -11.12
C ALA B 327 -11.53 21.71 -11.16
N GLN B 328 -10.49 20.88 -11.00
CA GLN B 328 -9.12 21.39 -11.07
C GLN B 328 -8.79 21.90 -12.47
N GLY B 329 -9.26 21.21 -13.51
CA GLY B 329 -9.03 21.72 -14.86
C GLY B 329 -9.68 23.07 -15.08
N SER B 330 -10.92 23.24 -14.62
CA SER B 330 -11.59 24.53 -14.75
C SER B 330 -10.86 25.61 -13.97
N ALA B 331 -10.43 25.30 -12.74
CA ALA B 331 -9.70 26.28 -11.94
C ALA B 331 -8.39 26.69 -12.61
N LYS B 332 -7.65 25.73 -13.17
CA LYS B 332 -6.42 26.05 -13.86
C LYS B 332 -6.68 26.90 -15.10
N LYS B 333 -7.75 26.58 -15.84
CA LYS B 333 -8.01 27.30 -17.08
C LYS B 333 -8.47 28.73 -16.83
N PHE B 334 -9.33 28.94 -15.83
CA PHE B 334 -9.94 30.24 -15.61
C PHE B 334 -9.28 31.04 -14.49
N LYS B 335 -8.13 30.58 -13.99
CA LYS B 335 -7.30 31.34 -13.05
C LYS B 335 -8.07 31.69 -11.77
N TYR B 336 -8.44 30.64 -11.05
CA TYR B 336 -8.96 30.79 -9.70
C TYR B 336 -8.57 29.55 -8.89
N SER B 337 -8.59 29.69 -7.57
CA SER B 337 -8.11 28.67 -6.66
C SER B 337 -9.29 27.99 -5.98
N ILE B 338 -9.26 26.66 -5.93
CA ILE B 338 -10.29 25.88 -5.28
C ILE B 338 -9.67 25.10 -4.12
N ASP B 339 -10.52 24.48 -3.32
CA ASP B 339 -10.12 23.67 -2.19
C ASP B 339 -10.44 22.21 -2.48
N ASP B 340 -9.43 21.34 -2.36
CA ASP B 340 -9.62 19.92 -2.62
C ASP B 340 -10.43 19.21 -1.55
N ASN B 341 -10.71 19.88 -0.42
CA ASN B 341 -11.47 19.27 0.66
C ASN B 341 -12.92 19.73 0.71
N GLN B 342 -13.24 20.88 0.12
CA GLN B 342 -14.63 21.32 0.09
C GLN B 342 -15.46 20.51 -0.89
N GLU B 343 -14.83 19.99 -1.94
CA GLU B 343 -15.54 19.13 -2.88
C GLU B 343 -16.07 17.87 -2.21
N PHE B 344 -15.32 17.34 -1.24
CA PHE B 344 -15.81 16.19 -0.47
C PHE B 344 -17.14 16.52 0.19
N LEU B 345 -17.19 17.64 0.93
CA LEU B 345 -18.42 18.02 1.61
C LEU B 345 -19.54 18.29 0.61
N ALA B 346 -19.24 18.98 -0.50
CA ALA B 346 -20.27 19.28 -1.49
C ALA B 346 -20.88 18.00 -2.05
N HIS B 347 -20.05 17.07 -2.50
CA HIS B 347 -20.56 15.84 -3.10
C HIS B 347 -21.28 14.97 -2.08
N GLY B 348 -20.73 14.87 -0.86
CA GLY B 348 -21.40 14.08 0.17
C GLY B 348 -22.75 14.64 0.54
N LEU B 349 -22.85 15.97 0.72
CA LEU B 349 -24.13 16.58 1.04
C LEU B 349 -25.11 16.42 -0.10
N SER B 350 -24.65 16.59 -1.35
CA SER B 350 -25.54 16.41 -2.48
C SER B 350 -26.09 15.00 -2.53
N ASN B 351 -25.24 13.99 -2.37
CA ASN B 351 -25.70 12.61 -2.40
C ASN B 351 -26.65 12.31 -1.24
N ILE B 352 -26.32 12.78 -0.03
CA ILE B 352 -27.15 12.49 1.13
C ILE B 352 -28.53 13.12 0.97
N VAL B 353 -28.57 14.40 0.55
CA VAL B 353 -29.85 15.07 0.39
C VAL B 353 -30.65 14.46 -0.74
N SER B 354 -30.01 14.12 -1.86
CA SER B 354 -30.71 13.58 -3.01
C SER B 354 -31.12 12.12 -2.82
N SER B 355 -30.57 11.43 -1.83
CA SER B 355 -30.97 10.05 -1.57
C SER B 355 -32.40 9.94 -1.05
N PHE B 356 -32.95 11.02 -0.49
CA PHE B 356 -34.30 10.98 0.06
C PHE B 356 -35.38 11.17 -1.00
N PHE B 357 -35.00 11.41 -2.26
CA PHE B 357 -35.96 11.65 -3.33
C PHE B 357 -35.85 10.60 -4.43
N PHE B 358 -35.44 9.38 -4.07
CA PHE B 358 -35.37 8.24 -4.99
C PHE B 358 -34.46 8.56 -6.18
N CYS B 359 -33.18 8.74 -5.88
CA CYS B 359 -32.20 9.13 -6.87
C CYS B 359 -31.01 8.17 -6.87
N ILE B 360 -30.42 7.99 -8.04
CA ILE B 360 -29.23 7.16 -8.22
C ILE B 360 -28.01 7.98 -7.82
N PRO B 361 -26.85 7.37 -7.60
CA PRO B 361 -25.66 8.15 -7.23
C PRO B 361 -25.31 9.17 -8.30
N SER B 362 -24.79 10.31 -7.85
CA SER B 362 -24.58 11.47 -8.70
C SER B 362 -23.12 11.90 -8.67
N ALA B 363 -22.66 12.45 -9.79
CA ALA B 363 -21.32 13.00 -9.91
C ALA B 363 -21.30 13.94 -11.12
N ALA B 364 -20.11 14.36 -11.53
CA ALA B 364 -19.94 15.30 -12.63
C ALA B 364 -19.40 14.59 -13.85
N ALA B 365 -19.96 14.90 -15.02
CA ALA B 365 -19.59 14.28 -16.28
C ALA B 365 -18.81 15.26 -17.14
N MET B 366 -17.92 14.70 -17.97
CA MET B 366 -17.06 15.52 -18.82
C MET B 366 -17.82 16.18 -19.96
N GLY B 367 -18.86 15.51 -20.49
CA GLY B 367 -19.59 16.07 -21.60
C GLY B 367 -20.29 17.37 -21.26
N ARG B 368 -20.91 17.44 -20.08
CA ARG B 368 -21.56 18.67 -19.66
C ARG B 368 -20.57 19.80 -19.46
N THR B 369 -19.39 19.50 -18.90
CA THR B 369 -18.36 20.53 -18.74
C THR B 369 -17.87 21.03 -20.10
N ALA B 370 -17.69 20.12 -21.06
CA ALA B 370 -17.31 20.54 -22.40
C ALA B 370 -18.38 21.40 -23.05
N GLY B 371 -19.65 21.03 -22.86
CA GLY B 371 -20.73 21.86 -23.38
C GLY B 371 -20.77 23.24 -22.76
N LEU B 372 -20.53 23.32 -21.44
CA LEU B 372 -20.46 24.62 -20.78
C LEU B 372 -19.29 25.44 -21.29
N TYR B 373 -18.14 24.81 -21.55
CA TYR B 373 -17.01 25.51 -22.14
C TYR B 373 -17.36 26.06 -23.52
N SER B 374 -18.01 25.23 -24.35
CA SER B 374 -18.31 25.65 -25.71
C SER B 374 -19.35 26.76 -25.75
N THR B 375 -20.39 26.66 -24.93
CA THR B 375 -21.44 27.68 -24.94
C THR B 375 -20.93 29.02 -24.42
N GLY B 376 -20.12 29.00 -23.37
CA GLY B 376 -19.58 30.24 -22.82
C GLY B 376 -20.14 30.61 -21.47
N ALA B 377 -20.42 29.61 -20.64
CA ALA B 377 -20.93 29.88 -19.31
C ALA B 377 -19.87 30.56 -18.45
N LYS B 378 -20.34 31.30 -17.45
CA LYS B 378 -19.46 32.07 -16.58
C LYS B 378 -19.56 31.70 -15.12
N THR B 379 -20.76 31.42 -14.61
CA THR B 379 -20.94 31.10 -13.20
C THR B 379 -21.77 29.85 -13.00
N GLN B 380 -22.16 29.57 -11.76
CA GLN B 380 -22.98 28.41 -11.44
C GLN B 380 -24.46 28.66 -11.65
N VAL B 381 -24.85 29.84 -12.12
CA VAL B 381 -26.25 30.11 -12.42
C VAL B 381 -26.75 29.22 -13.56
N ALA B 382 -25.90 28.89 -14.53
CA ALA B 382 -26.30 28.02 -15.63
C ALA B 382 -26.72 26.64 -15.15
N CYS B 383 -26.31 26.23 -13.95
CA CYS B 383 -26.74 24.96 -13.38
C CYS B 383 -28.07 25.06 -12.65
N LEU B 384 -28.67 26.25 -12.57
CA LEU B 384 -29.97 26.44 -11.97
C LEU B 384 -31.08 26.69 -12.99
N ILE B 385 -30.78 27.38 -14.08
CA ILE B 385 -31.75 27.49 -15.17
C ILE B 385 -32.03 26.12 -15.77
N SER B 386 -31.00 25.28 -15.86
CA SER B 386 -31.21 23.91 -16.29
C SER B 386 -32.10 23.15 -15.31
N CYS B 387 -31.94 23.39 -14.01
CA CYS B 387 -32.83 22.77 -13.03
C CYS B 387 -34.27 23.23 -13.22
N ILE B 388 -34.46 24.52 -13.48
CA ILE B 388 -35.80 25.04 -13.73
C ILE B 388 -36.42 24.38 -14.95
N PHE B 389 -35.64 24.25 -16.03
CA PHE B 389 -36.16 23.62 -17.24
C PHE B 389 -36.44 22.14 -17.01
N VAL B 390 -35.62 21.45 -16.21
CA VAL B 390 -35.89 20.05 -15.90
C VAL B 390 -37.17 19.92 -15.10
N LEU B 391 -37.40 20.85 -14.17
CA LEU B 391 -38.67 20.86 -13.43
C LEU B 391 -39.85 21.06 -14.36
N ILE B 392 -39.71 21.98 -15.32
CA ILE B 392 -40.77 22.21 -16.30
C ILE B 392 -41.04 20.95 -17.11
N VAL B 393 -39.97 20.27 -17.53
CA VAL B 393 -40.12 19.02 -18.28
C VAL B 393 -40.84 17.97 -17.45
N ILE B 394 -40.47 17.86 -16.17
CA ILE B 394 -41.06 16.86 -15.29
C ILE B 394 -42.55 17.11 -15.14
N TYR B 395 -42.93 18.36 -14.88
CA TYR B 395 -44.32 18.65 -14.54
C TYR B 395 -45.21 18.95 -15.75
N ALA B 396 -44.63 19.14 -16.94
CA ALA B 396 -45.43 19.54 -18.09
C ALA B 396 -45.39 18.54 -19.23
N ILE B 397 -44.21 18.15 -19.69
CA ILE B 397 -44.09 17.34 -20.90
C ILE B 397 -43.48 15.99 -20.56
N GLY B 398 -43.74 15.49 -19.35
CA GLY B 398 -43.32 14.18 -18.95
C GLY B 398 -43.89 13.07 -19.81
N PRO B 399 -45.22 13.03 -19.98
CA PRO B 399 -45.83 12.00 -20.83
C PRO B 399 -45.61 12.21 -22.32
N LEU B 400 -44.99 13.32 -22.73
CA LEU B 400 -44.78 13.58 -24.15
C LEU B 400 -43.56 12.88 -24.72
N LEU B 401 -42.75 12.22 -23.88
CA LEU B 401 -41.56 11.50 -24.32
C LEU B 401 -41.80 10.01 -24.47
N TYR B 402 -43.05 9.59 -24.69
CA TYR B 402 -43.35 8.17 -24.83
C TYR B 402 -42.81 7.60 -26.13
N TRP B 403 -42.81 8.39 -27.20
CA TRP B 403 -42.50 7.90 -28.54
C TRP B 403 -41.06 8.17 -28.95
N LEU B 404 -40.12 8.09 -28.02
CA LEU B 404 -38.71 8.28 -28.34
C LEU B 404 -38.03 6.93 -28.43
N PRO B 405 -37.58 6.50 -29.60
CA PRO B 405 -36.93 5.18 -29.71
C PRO B 405 -35.63 5.14 -28.92
N MET B 406 -35.31 3.94 -28.41
CA MET B 406 -34.10 3.78 -27.61
C MET B 406 -32.84 3.81 -28.45
N CYS B 407 -32.93 3.45 -29.74
CA CYS B 407 -31.76 3.50 -30.61
C CYS B 407 -31.24 4.92 -30.75
N VAL B 408 -32.15 5.90 -30.90
CA VAL B 408 -31.73 7.29 -31.00
C VAL B 408 -31.04 7.74 -29.73
N LEU B 409 -31.59 7.39 -28.58
CA LEU B 409 -30.98 7.77 -27.30
C LEU B 409 -29.60 7.15 -27.14
N ALA B 410 -29.46 5.87 -27.48
CA ALA B 410 -28.16 5.23 -27.39
C ALA B 410 -27.15 5.86 -28.35
N SER B 411 -27.59 6.22 -29.56
CA SER B 411 -26.71 6.89 -30.49
C SER B 411 -26.27 8.25 -29.97
N ILE B 412 -27.20 8.99 -29.34
CA ILE B 412 -26.84 10.27 -28.74
C ILE B 412 -25.80 10.08 -27.66
N ILE B 413 -25.97 9.05 -26.83
CA ILE B 413 -25.02 8.81 -25.74
C ILE B 413 -23.64 8.45 -26.29
N VAL B 414 -23.59 7.55 -27.27
CA VAL B 414 -22.28 7.15 -27.81
C VAL B 414 -21.62 8.29 -28.57
N VAL B 415 -22.40 9.19 -29.16
CA VAL B 415 -21.80 10.37 -29.79
C VAL B 415 -21.26 11.31 -28.73
N GLY B 416 -22.00 11.52 -27.64
CA GLY B 416 -21.56 12.38 -26.57
C GLY B 416 -20.36 11.86 -25.80
N LEU B 417 -20.11 10.56 -25.85
CA LEU B 417 -18.92 9.98 -25.21
C LEU B 417 -17.63 10.25 -25.99
N LYS B 418 -17.69 11.13 -27.00
CA LYS B 418 -16.52 11.39 -27.84
C LYS B 418 -15.39 12.02 -27.05
N GLY B 419 -15.72 12.95 -26.14
CA GLY B 419 -14.67 13.59 -25.35
C GLY B 419 -13.92 12.60 -24.47
N MET B 420 -14.62 11.65 -23.88
CA MET B 420 -13.95 10.62 -23.09
C MET B 420 -13.18 9.66 -23.97
N LEU B 421 -13.72 9.30 -25.13
CA LEU B 421 -13.06 8.32 -25.99
C LEU B 421 -11.84 8.88 -26.71
N ILE B 422 -11.75 10.21 -26.87
CA ILE B 422 -10.64 10.79 -27.62
C ILE B 422 -9.34 10.83 -26.84
N GLN B 423 -9.35 10.44 -25.57
CA GLN B 423 -8.16 10.51 -24.72
C GLN B 423 -7.09 9.49 -25.09
N PHE B 424 -7.26 8.74 -26.18
CA PHE B 424 -6.24 7.80 -26.62
C PHE B 424 -5.01 8.51 -27.17
N ARG B 425 -5.10 9.81 -27.45
CA ARG B 425 -3.99 10.54 -28.03
C ARG B 425 -2.93 10.94 -27.01
N ASP B 426 -3.21 10.76 -25.70
CA ASP B 426 -2.22 11.04 -24.68
C ASP B 426 -1.09 10.03 -24.63
N LEU B 427 -1.25 8.90 -25.32
CA LEU B 427 -0.21 7.88 -25.34
C LEU B 427 1.06 8.39 -26.02
N LYS B 428 0.92 9.19 -27.08
CA LYS B 428 2.10 9.76 -27.72
C LYS B 428 2.86 10.67 -26.78
N LYS B 429 2.14 11.52 -26.04
CA LYS B 429 2.80 12.40 -25.08
C LYS B 429 3.49 11.62 -23.98
N TYR B 430 2.80 10.63 -23.41
CA TYR B 430 3.40 9.82 -22.35
C TYR B 430 4.57 8.99 -22.86
N TRP B 431 4.57 8.61 -24.14
CA TRP B 431 5.68 7.88 -24.72
C TRP B 431 6.89 8.77 -24.99
N ASN B 432 6.64 10.00 -25.42
CA ASN B 432 7.75 10.91 -25.72
C ASN B 432 8.28 11.65 -24.49
N VAL B 433 7.57 11.62 -23.37
CA VAL B 433 8.02 12.36 -22.19
C VAL B 433 8.77 11.45 -21.23
N ASP B 434 8.11 10.40 -20.74
CA ASP B 434 8.69 9.60 -19.65
C ASP B 434 8.91 8.15 -19.99
N LYS B 435 8.02 7.52 -20.79
CA LYS B 435 8.05 6.11 -21.13
C LYS B 435 7.78 5.20 -19.95
N ILE B 436 7.50 5.75 -18.77
CA ILE B 436 7.12 4.96 -17.60
C ILE B 436 5.64 5.12 -17.28
N ASP B 437 5.12 6.35 -17.33
CA ASP B 437 3.68 6.55 -17.23
C ASP B 437 2.95 6.00 -18.45
N TRP B 438 3.67 5.76 -19.55
CA TRP B 438 3.07 5.05 -20.68
C TRP B 438 2.68 3.63 -20.27
N GLY B 439 3.58 2.94 -19.57
CA GLY B 439 3.26 1.61 -19.08
C GLY B 439 2.16 1.63 -18.03
N ILE B 440 2.17 2.63 -17.15
CA ILE B 440 1.09 2.75 -16.16
C ILE B 440 -0.24 2.98 -16.85
N TRP B 441 -0.26 3.83 -17.88
CA TRP B 441 -1.49 4.07 -18.63
C TRP B 441 -1.99 2.79 -19.28
N VAL B 442 -1.10 2.05 -19.92
CA VAL B 442 -1.50 0.83 -20.60
C VAL B 442 -2.03 -0.20 -19.61
N SER B 443 -1.33 -0.38 -18.49
CA SER B 443 -1.76 -1.35 -17.48
C SER B 443 -3.10 -0.97 -16.87
N THR B 444 -3.28 0.32 -16.55
CA THR B 444 -4.54 0.77 -15.98
C THR B 444 -5.68 0.59 -16.97
N TYR B 445 -5.45 0.89 -18.25
CA TYR B 445 -6.49 0.70 -19.26
C TYR B 445 -6.85 -0.78 -19.40
N VAL B 446 -5.85 -1.66 -19.39
CA VAL B 446 -6.14 -3.09 -19.52
C VAL B 446 -6.93 -3.59 -18.32
N PHE B 447 -6.51 -3.21 -17.11
CA PHE B 447 -7.24 -3.66 -15.92
C PHE B 447 -8.63 -3.07 -15.84
N THR B 448 -8.84 -1.84 -16.33
CA THR B 448 -10.17 -1.26 -16.34
C THR B 448 -11.06 -1.94 -17.36
N ILE B 449 -10.53 -2.27 -18.53
CA ILE B 449 -11.32 -2.96 -19.54
C ILE B 449 -11.60 -4.39 -19.14
N CYS B 450 -10.77 -4.99 -18.28
CA CYS B 450 -11.04 -6.36 -17.85
C CYS B 450 -12.02 -6.40 -16.68
N PHE B 451 -11.62 -5.88 -15.52
CA PHE B 451 -12.42 -6.05 -14.30
C PHE B 451 -13.50 -4.98 -14.16
N ALA B 452 -13.09 -3.73 -13.97
CA ALA B 452 -14.01 -2.63 -13.69
C ALA B 452 -13.26 -1.30 -13.57
N ALA B 453 -14.00 -0.21 -13.35
CA ALA B 453 -13.37 1.09 -13.20
C ALA B 453 -12.67 1.24 -11.85
N ASN B 454 -13.33 0.84 -10.76
CA ASN B 454 -12.74 1.00 -9.45
C ASN B 454 -11.52 0.13 -9.25
N VAL B 455 -11.56 -1.11 -9.75
CA VAL B 455 -10.39 -1.99 -9.67
C VAL B 455 -9.24 -1.40 -10.47
N GLY B 456 -9.53 -0.84 -11.65
CA GLY B 456 -8.49 -0.20 -12.43
C GLY B 456 -7.88 0.99 -11.72
N LEU B 457 -8.71 1.81 -11.08
CA LEU B 457 -8.20 2.96 -10.33
C LEU B 457 -7.31 2.51 -9.18
N LEU B 458 -7.75 1.50 -8.42
CA LEU B 458 -6.94 1.01 -7.30
C LEU B 458 -5.62 0.44 -7.81
N PHE B 459 -5.66 -0.33 -8.89
CA PHE B 459 -4.43 -0.89 -9.44
C PHE B 459 -3.49 0.21 -9.91
N GLY B 460 -4.02 1.24 -10.57
CA GLY B 460 -3.16 2.33 -11.01
C GLY B 460 -2.51 3.06 -9.85
N VAL B 461 -3.28 3.33 -8.80
CA VAL B 461 -2.72 4.04 -7.64
C VAL B 461 -1.63 3.21 -6.98
N VAL B 462 -1.90 1.91 -6.77
CA VAL B 462 -0.93 1.04 -6.12
C VAL B 462 0.33 0.91 -6.98
N CYS B 463 0.16 0.75 -8.29
CA CYS B 463 1.30 0.63 -9.18
C CYS B 463 2.15 1.89 -9.20
N THR B 464 1.50 3.06 -9.21
CA THR B 464 2.24 4.31 -9.18
C THR B 464 3.04 4.44 -7.90
N ILE B 465 2.41 4.14 -6.75
CA ILE B 465 3.13 4.24 -5.48
C ILE B 465 4.30 3.28 -5.44
N ALA B 466 4.09 2.02 -5.87
CA ALA B 466 5.18 1.05 -5.86
C ALA B 466 6.31 1.45 -6.78
N ILE B 467 5.99 1.97 -7.97
CA ILE B 467 7.03 2.37 -8.91
C ILE B 467 7.83 3.53 -8.35
N VAL B 468 7.16 4.53 -7.77
CA VAL B 468 7.89 5.66 -7.20
C VAL B 468 8.71 5.25 -5.99
N ILE B 469 8.28 4.24 -5.25
CA ILE B 469 9.08 3.74 -4.13
C ILE B 469 10.31 3.00 -4.63
N GLY B 470 10.15 2.18 -5.67
CA GLY B 470 11.23 1.35 -6.15
C GLY B 470 12.29 2.09 -6.96
N ARG B 471 12.06 3.36 -7.30
CA ARG B 471 13.04 4.11 -8.06
C ARG B 471 14.10 4.77 -7.18
N PHE B 472 13.79 4.99 -5.91
CA PHE B 472 14.68 5.69 -4.98
C PHE B 472 16.02 4.96 -4.78
N PRO B 473 16.05 3.65 -4.54
CA PRO B 473 17.34 2.98 -4.33
C PRO B 473 18.22 2.91 -5.56
N ARG B 474 17.75 3.36 -6.73
CA ARG B 474 18.51 3.27 -7.97
C ARG B 474 18.94 4.64 -8.48
N ALA B 475 18.88 5.67 -7.63
CA ALA B 475 19.25 7.02 -8.02
C ALA B 475 20.45 7.49 -7.21
N MET B 476 21.31 8.27 -7.86
CA MET B 476 22.49 8.80 -7.18
C MET B 476 22.08 9.78 -6.09
N THR B 477 22.68 9.62 -4.90
CA THR B 477 22.31 10.45 -3.76
C THR B 477 23.20 11.68 -3.63
N VAL B 478 24.51 11.53 -3.82
CA VAL B 478 25.45 12.61 -3.58
C VAL B 478 25.95 13.14 -4.92
N SER B 479 26.39 14.40 -4.91
CA SER B 479 26.93 15.05 -6.11
C SER B 479 28.28 15.64 -5.78
N ILE B 480 29.15 15.69 -6.79
CA ILE B 480 30.51 16.17 -6.61
C ILE B 480 30.61 17.60 -7.12
N LYS B 481 31.20 18.47 -6.30
CA LYS B 481 31.42 19.86 -6.67
C LYS B 481 32.90 20.10 -6.96
N ASN B 482 33.15 21.04 -7.88
CA ASN B 482 34.52 21.37 -8.26
C ASN B 482 35.21 22.19 -7.18
N VAL B 502 40.96 17.01 -0.18
CA VAL B 502 39.96 18.03 0.13
C VAL B 502 38.93 18.11 -0.97
N LYS B 503 37.84 17.35 -0.84
CA LYS B 503 36.79 17.31 -1.82
C LYS B 503 35.45 17.63 -1.17
N ILE B 504 34.60 18.34 -1.90
CA ILE B 504 33.29 18.77 -1.42
C ILE B 504 32.23 17.91 -2.07
N ILE B 505 31.32 17.37 -1.26
CA ILE B 505 30.27 16.47 -1.72
C ILE B 505 28.95 16.99 -1.19
N SER B 506 27.98 17.18 -2.08
CA SER B 506 26.70 17.79 -1.72
C SER B 506 25.63 16.71 -1.61
N ILE B 507 24.85 16.76 -0.54
CA ILE B 507 23.73 15.85 -0.34
C ILE B 507 22.46 16.48 -0.91
N ASN B 508 21.63 15.65 -1.55
CA ASN B 508 20.51 16.19 -2.32
C ASN B 508 19.34 16.62 -1.41
N ASN B 509 18.69 15.68 -0.70
CA ASN B 509 17.72 16.04 0.33
C ASN B 509 17.19 14.83 1.10
N PRO B 510 16.30 13.99 0.54
CA PRO B 510 15.60 13.04 1.43
C PRO B 510 16.43 11.82 1.79
N LEU B 511 17.28 11.97 2.81
CA LEU B 511 18.05 10.85 3.34
C LEU B 511 17.14 10.05 4.26
N VAL B 512 16.46 9.06 3.70
CA VAL B 512 15.50 8.26 4.44
C VAL B 512 15.83 6.78 4.27
N PHE B 513 14.99 5.91 4.82
CA PHE B 513 15.22 4.47 4.72
C PHE B 513 15.19 3.98 3.28
N LEU B 514 14.57 4.74 2.37
CA LEU B 514 14.53 4.32 0.97
C LEU B 514 15.92 4.34 0.34
N ASN B 515 16.73 5.34 0.68
CA ASN B 515 18.03 5.51 0.04
C ASN B 515 19.14 5.71 1.08
N ALA B 516 19.15 4.90 2.14
CA ALA B 516 20.24 4.99 3.10
C ALA B 516 21.41 4.09 2.71
N LYS B 517 21.13 2.83 2.38
CA LYS B 517 22.18 1.93 1.92
C LYS B 517 22.80 2.41 0.61
N LYS B 518 21.98 2.91 -0.32
CA LYS B 518 22.52 3.47 -1.55
C LYS B 518 23.39 4.68 -1.28
N PHE B 519 23.00 5.53 -0.32
CA PHE B 519 23.83 6.67 0.04
C PHE B 519 25.17 6.21 0.61
N TYR B 520 25.15 5.20 1.48
CA TYR B 520 26.39 4.68 2.04
C TYR B 520 27.29 4.11 0.95
N THR B 521 26.71 3.35 0.01
CA THR B 521 27.50 2.79 -1.08
C THR B 521 28.09 3.89 -1.96
N ASP B 522 27.29 4.91 -2.28
CA ASP B 522 27.78 6.01 -3.09
C ASP B 522 28.91 6.77 -2.41
N LEU B 523 28.79 7.02 -1.11
CA LEU B 523 29.84 7.73 -0.41
C LEU B 523 31.09 6.88 -0.23
N MET B 524 30.95 5.57 -0.06
CA MET B 524 32.11 4.70 0.07
C MET B 524 32.82 4.46 -1.26
N ASN B 525 32.09 4.51 -2.38
CA ASN B 525 32.71 4.34 -3.69
C ASN B 525 33.37 5.62 -4.20
N MET B 526 33.52 6.64 -3.35
CA MET B 526 34.05 7.92 -3.77
C MET B 526 35.30 8.32 -3.00
N ILE B 527 36.00 7.36 -2.40
CA ILE B 527 37.24 7.64 -1.68
C ILE B 527 38.38 6.81 -2.25
N CYS B 570 42.59 13.22 2.29
CA CYS B 570 42.86 13.40 3.71
C CYS B 570 41.82 14.31 4.34
N TYR B 571 40.87 14.78 3.54
CA TYR B 571 39.80 15.65 4.02
C TYR B 571 38.58 15.46 3.14
N LEU B 572 37.41 15.80 3.69
CA LEU B 572 36.15 15.64 2.99
C LEU B 572 35.13 16.57 3.63
N ILE B 573 34.43 17.35 2.80
CA ILE B 573 33.42 18.28 3.26
C ILE B 573 32.07 17.83 2.73
N LEU B 574 31.06 17.83 3.59
CA LEU B 574 29.70 17.41 3.21
C LEU B 574 28.80 18.64 3.29
N ASP B 575 28.30 19.06 2.13
CA ASP B 575 27.36 20.18 2.05
C ASP B 575 25.94 19.64 2.20
N CYS B 576 25.37 19.81 3.40
CA CYS B 576 23.98 19.46 3.66
C CYS B 576 23.08 20.67 3.53
N SER B 577 23.10 21.33 2.37
CA SER B 577 22.28 22.52 2.17
C SER B 577 20.83 22.13 1.89
N GLY B 578 20.61 21.31 0.87
CA GLY B 578 19.27 20.85 0.58
C GLY B 578 18.76 19.84 1.61
N PHE B 579 19.69 19.23 2.35
CA PHE B 579 19.35 18.19 3.32
C PHE B 579 18.53 18.77 4.47
N THR B 580 17.23 18.49 4.47
CA THR B 580 16.34 18.96 5.54
C THR B 580 15.38 17.86 5.95
N PHE B 581 15.31 16.80 5.16
CA PHE B 581 14.33 15.72 5.33
C PHE B 581 15.10 14.44 5.66
N PHE B 582 14.95 13.96 6.89
CA PHE B 582 15.66 12.78 7.35
C PHE B 582 14.83 12.05 8.40
N ASP B 583 15.35 10.90 8.83
CA ASP B 583 14.77 10.11 9.91
C ASP B 583 15.89 9.36 10.61
N TYR B 584 15.50 8.33 11.38
CA TYR B 584 16.49 7.56 12.14
C TYR B 584 17.49 6.86 11.24
N SER B 585 17.02 6.31 10.11
CA SER B 585 17.91 5.59 9.20
C SER B 585 18.97 6.51 8.62
N GLY B 586 18.58 7.72 8.23
CA GLY B 586 19.53 8.66 7.68
C GLY B 586 20.60 9.08 8.68
N VAL B 587 20.18 9.36 9.92
CA VAL B 587 21.13 9.73 10.96
C VAL B 587 22.08 8.58 11.27
N SER B 588 21.53 7.35 11.34
CA SER B 588 22.38 6.19 11.60
C SER B 588 23.41 6.00 10.49
N MET B 589 22.98 6.14 9.23
CA MET B 589 23.92 5.98 8.12
C MET B 589 24.97 7.09 8.12
N LEU B 590 24.57 8.33 8.44
CA LEU B 590 25.54 9.41 8.52
C LEU B 590 26.59 9.16 9.61
N VAL B 591 26.15 8.70 10.77
CA VAL B 591 27.08 8.44 11.86
C VAL B 591 28.00 7.28 11.50
N GLU B 592 27.46 6.23 10.87
CA GLU B 592 28.29 5.12 10.45
C GLU B 592 29.31 5.55 9.40
N VAL B 593 28.90 6.41 8.47
CA VAL B 593 29.82 6.95 7.47
C VAL B 593 30.93 7.73 8.14
N TYR B 594 30.58 8.57 9.12
CA TYR B 594 31.60 9.35 9.83
C TYR B 594 32.58 8.44 10.55
N MET B 595 32.07 7.41 11.22
CA MET B 595 32.94 6.49 11.95
C MET B 595 33.87 5.74 10.99
N ASP B 596 33.34 5.24 9.88
CA ASP B 596 34.16 4.53 8.91
C ASP B 596 35.19 5.43 8.25
N CYS B 597 34.84 6.69 7.97
CA CYS B 597 35.81 7.61 7.38
C CYS B 597 36.89 7.97 8.38
N LYS B 598 36.55 8.09 9.66
CA LYS B 598 37.58 8.28 10.69
C LYS B 598 38.49 7.06 10.74
N GLY B 599 37.92 5.86 10.59
CA GLY B 599 38.74 4.66 10.54
C GLY B 599 39.71 4.66 9.38
N ARG B 600 39.31 5.22 8.24
CA ARG B 600 40.15 5.30 7.05
C ARG B 600 41.03 6.55 7.07
N SER B 601 41.13 7.24 8.21
CA SER B 601 41.92 8.46 8.36
C SER B 601 41.45 9.55 7.40
N VAL B 602 40.14 9.67 7.21
CA VAL B 602 39.54 10.73 6.40
C VAL B 602 38.63 11.54 7.30
N ASP B 603 38.88 12.84 7.38
CA ASP B 603 38.08 13.71 8.23
C ASP B 603 36.83 14.17 7.49
N VAL B 604 35.69 14.10 8.16
CA VAL B 604 34.41 14.52 7.61
C VAL B 604 33.95 15.76 8.35
N LEU B 605 33.67 16.83 7.61
CA LEU B 605 33.21 18.09 8.18
C LEU B 605 31.86 18.44 7.56
N LEU B 606 30.88 18.73 8.41
CA LEU B 606 29.56 19.12 7.96
C LEU B 606 29.50 20.63 7.75
N ALA B 607 28.69 21.05 6.79
CA ALA B 607 28.69 22.43 6.33
C ALA B 607 27.42 23.19 6.71
N HIS B 608 26.25 22.70 6.33
CA HIS B 608 25.00 23.44 6.50
C HIS B 608 23.96 22.64 7.27
N CYS B 609 24.39 21.96 8.33
CA CYS B 609 23.47 21.18 9.14
C CYS B 609 22.56 22.09 9.94
N THR B 610 21.29 21.69 10.05
CA THR B 610 20.32 22.43 10.83
C THR B 610 20.46 22.10 12.31
N ALA B 611 19.58 22.67 13.13
CA ALA B 611 19.66 22.45 14.57
C ALA B 611 19.22 21.04 14.95
N SER B 612 18.10 20.58 14.39
CA SER B 612 17.60 19.25 14.72
C SER B 612 18.57 18.17 14.28
N LEU B 613 19.12 18.29 13.08
CA LEU B 613 20.09 17.31 12.60
C LEU B 613 21.34 17.31 13.45
N ILE B 614 21.82 18.50 13.84
CA ILE B 614 23.00 18.59 14.69
C ILE B 614 22.74 17.90 16.03
N LYS B 615 21.57 18.17 16.63
CA LYS B 615 21.26 17.57 17.92
C LYS B 615 21.16 16.05 17.82
N ALA B 616 20.48 15.55 16.78
CA ALA B 616 20.33 14.11 16.61
C ALA B 616 21.67 13.44 16.37
N MET B 617 22.53 14.04 15.54
CA MET B 617 23.81 13.42 15.25
C MET B 617 24.74 13.48 16.45
N THR B 618 24.66 14.54 17.25
CA THR B 618 25.47 14.59 18.47
C THR B 618 25.01 13.57 19.49
N TYR B 619 23.70 13.37 19.63
CA TYR B 619 23.21 12.38 20.59
C TYR B 619 23.55 10.96 20.14
N TYR B 620 23.29 10.64 18.87
CA TYR B 620 23.45 9.26 18.42
C TYR B 620 24.91 8.83 18.46
N GLY B 621 25.81 9.65 17.97
CA GLY B 621 27.22 9.30 17.92
C GLY B 621 28.04 9.66 19.13
N ASN B 622 27.41 10.24 20.16
CA ASN B 622 28.11 10.69 21.36
C ASN B 622 29.27 11.63 21.01
N LEU B 623 29.02 12.51 20.04
CA LEU B 623 30.02 13.43 19.57
C LEU B 623 30.24 14.55 20.58
N ASP B 624 31.50 14.81 20.91
CA ASP B 624 31.82 15.89 21.84
C ASP B 624 31.59 17.24 21.18
N SER B 625 31.11 18.20 21.97
CA SER B 625 30.82 19.53 21.46
C SER B 625 32.03 20.45 21.46
N GLU B 626 33.19 19.97 21.92
CA GLU B 626 34.42 20.76 21.96
C GLU B 626 35.38 20.41 20.83
N LYS B 627 34.86 19.84 19.74
CA LYS B 627 35.67 19.49 18.58
C LYS B 627 34.94 20.04 17.35
N PRO B 628 35.63 20.80 16.50
CA PRO B 628 34.96 21.40 15.34
C PRO B 628 34.58 20.39 14.28
N ILE B 629 33.29 20.10 14.17
CA ILE B 629 32.79 19.19 13.14
C ILE B 629 31.71 19.91 12.33
N PHE B 630 30.69 20.41 13.03
CA PHE B 630 29.61 21.12 12.37
C PHE B 630 29.98 22.59 12.18
N PHE B 631 29.80 23.08 10.96
CA PHE B 631 30.09 24.47 10.62
C PHE B 631 28.83 25.14 10.10
N GLU B 632 28.98 26.37 9.61
CA GLU B 632 27.87 27.14 9.06
C GLU B 632 27.93 27.33 7.56
N SER B 633 29.09 27.18 6.93
CA SER B 633 29.22 27.35 5.49
C SER B 633 30.47 26.62 5.02
N VAL B 634 30.54 26.38 3.72
CA VAL B 634 31.69 25.72 3.13
C VAL B 634 32.93 26.59 3.26
N SER B 635 32.77 27.91 3.14
CA SER B 635 33.91 28.81 3.29
C SER B 635 34.49 28.75 4.70
N ALA B 636 33.63 28.62 5.72
CA ALA B 636 34.12 28.47 7.09
C ALA B 636 34.93 27.19 7.25
N ALA B 637 34.46 26.09 6.65
CA ALA B 637 35.23 24.84 6.71
C ALA B 637 36.56 24.97 5.99
N ILE B 638 36.57 25.64 4.84
CA ILE B 638 37.82 25.84 4.11
C ILE B 638 38.80 26.68 4.94
N SER B 639 38.30 27.73 5.58
CA SER B 639 39.15 28.54 6.45
C SER B 639 39.68 27.73 7.62
N HIS B 640 38.85 26.87 8.20
CA HIS B 640 39.32 25.98 9.26
C HIS B 640 40.39 25.01 8.76
N ILE B 641 40.31 24.62 7.49
CA ILE B 641 41.32 23.72 6.91
C ILE B 641 42.70 24.38 6.94
N HIS B 642 42.77 25.66 6.59
CA HIS B 642 44.03 26.38 6.53
C HIS B 642 44.49 26.71 7.96
N SER B 643 44.94 25.67 8.65
CA SER B 643 45.44 25.80 10.01
C SER B 643 46.30 24.60 10.39
#